data_1E9Y
#
_entry.id   1E9Y
#
_cell.length_a   178.160
_cell.length_b   178.160
_cell.length_c   178.160
_cell.angle_alpha   90.00
_cell.angle_beta   90.00
_cell.angle_gamma   90.00
#
_symmetry.space_group_name_H-M   'I 2 3'
#
loop_
_entity.id
_entity.type
_entity.pdbx_description
1 polymer 'UREASE SUBUNIT ALPHA'
2 polymer 'UREASE SUBUNIT BETA'
3 non-polymer 'ACETOHYDROXAMIC ACID'
4 non-polymer 'NICKEL (II) ION'
5 water water
#
loop_
_entity_poly.entity_id
_entity_poly.type
_entity_poly.pdbx_seq_one_letter_code
_entity_poly.pdbx_strand_id
1 'polypeptide(L)'
;MKLTPKELDKLMLHYAGELAKKRKEKGIKLNYVEAVALISAHIMEEARAGKKTAAELMQEGRTLLKPDDVMDGVASMIHE
VGIEAMFPDGTKLVTVHTPIEANGKLVPGELFLKNEDITINEGKKAVSVKVKNVGDRPVQIGSHFHFFEVNRCLDFDREK
TFGKRLDIAAGTAVRFEPGEEKSVELIDIGGNRRIFGFNALVDRQADNESKKIALHRAKERGFHGAKSDDNYVKTIKE
;
A
2 'polypeptide(L)'
;MKKISRKEYVSMYGPTTGDKVRLGDTDLIAEVEHDYTIYGEELKFGGGKTLREGMSQSNNPSKEELDLIITNALIVDYTG
IYKADIGIKDGKIAGIGKGGNKDMQDGVKNNLSVGPATEALAGEGLIVTAGGIDTHIHFISPQQIPTAFASGVTTMIGGG
TGPADGTNATTITPGRRNLKWMLRAAEEYSMNLGFLAKGNASNDASLADQIEAGAIGF(KCX)IHEDWGTTPSAINHALD
VADKYDVQVAIHTDTLNEAGCVEDTMAAIAGRTMHTFHTEGAGGGHAPDIIKVAGEHNILPASTNPTIPFTVNTEAEHMD
MLMVCHHKDKSIKEDVQFADSRIRPQTIAAEDTLHDMGAFSITSSDSQAMGRVGEVITRTWQTADKNKKEFGRLKEEKGD
NDNFRIKRYLSKYTINPAIAHGISEYVGSVEVGKVADLVLWSPAFFGVKPNMIIKGGFIALSQMGDANASIPTPQPVYYR
EMFAHHGKAKYDANITFVSQAAYDKGIKEELGLERQVLPVKNCRNVTKKDMQFNNTTAHIEVNPETYHVFVDGKEVTSKP
ANKVSLAQLFSIF
;
B
#
# COMPACT_ATOMS: atom_id res chain seq x y z
N MET A 1 -27.99 -27.77 -13.58
CA MET A 1 -27.44 -28.02 -12.21
C MET A 1 -27.19 -26.76 -11.41
N LYS A 2 -28.10 -25.80 -11.52
CA LYS A 2 -28.05 -24.51 -10.83
C LYS A 2 -26.88 -24.32 -9.91
N LEU A 3 -25.70 -24.08 -10.49
CA LEU A 3 -24.48 -23.87 -9.72
C LEU A 3 -24.40 -22.49 -9.11
N THR A 4 -24.32 -22.41 -7.78
CA THR A 4 -24.22 -21.12 -7.15
C THR A 4 -22.87 -20.49 -7.41
N PRO A 5 -22.73 -19.19 -7.17
CA PRO A 5 -21.44 -18.55 -7.40
C PRO A 5 -20.46 -19.06 -6.36
N LYS A 6 -20.99 -19.52 -5.24
CA LYS A 6 -20.17 -20.10 -4.18
C LYS A 6 -19.55 -21.38 -4.67
N GLU A 7 -20.36 -22.19 -5.35
CA GLU A 7 -19.88 -23.45 -5.89
C GLU A 7 -18.72 -23.25 -6.84
N LEU A 8 -18.87 -22.31 -7.77
CA LEU A 8 -17.78 -22.03 -8.70
C LEU A 8 -16.52 -21.63 -7.93
N ASP A 9 -16.69 -20.87 -6.85
CA ASP A 9 -15.55 -20.46 -6.04
C ASP A 9 -14.74 -21.67 -5.62
N LYS A 10 -15.44 -22.64 -5.04
CA LYS A 10 -14.83 -23.87 -4.58
C LYS A 10 -14.26 -24.72 -5.71
N LEU A 11 -15.02 -24.90 -6.79
CA LEU A 11 -14.53 -25.67 -7.92
C LEU A 11 -13.20 -25.17 -8.44
N MET A 12 -12.98 -23.86 -8.28
CA MET A 12 -11.73 -23.26 -8.71
C MET A 12 -10.67 -23.55 -7.69
N LEU A 13 -11.04 -23.44 -6.42
CA LEU A 13 -10.12 -23.72 -5.33
C LEU A 13 -9.60 -25.12 -5.42
N HIS A 14 -10.51 -26.05 -5.69
CA HIS A 14 -10.15 -27.46 -5.82
C HIS A 14 -9.05 -27.72 -6.81
N TYR A 15 -9.15 -27.14 -8.00
CA TYR A 15 -8.12 -27.34 -9.00
C TYR A 15 -6.88 -26.58 -8.71
N ALA A 16 -6.93 -25.79 -7.66
CA ALA A 16 -5.77 -25.06 -7.20
C ALA A 16 -5.08 -25.95 -6.22
N GLY A 17 -5.89 -26.82 -5.61
CA GLY A 17 -5.38 -27.80 -4.66
C GLY A 17 -4.79 -28.92 -5.50
N GLU A 18 -5.55 -29.36 -6.51
CA GLU A 18 -5.11 -30.42 -7.42
C GLU A 18 -3.77 -30.08 -8.03
N LEU A 19 -3.60 -28.82 -8.45
CA LEU A 19 -2.33 -28.42 -9.01
C LEU A 19 -1.28 -28.53 -7.94
N ALA A 20 -1.63 -27.99 -6.77
CA ALA A 20 -0.76 -28.02 -5.62
C ALA A 20 -0.22 -29.41 -5.36
N LYS A 21 -1.11 -30.40 -5.31
CA LYS A 21 -0.67 -31.77 -5.08
C LYS A 21 0.13 -32.29 -6.24
N LYS A 22 -0.40 -32.21 -7.45
CA LYS A 22 0.34 -32.70 -8.61
C LYS A 22 1.77 -32.18 -8.64
N ARG A 23 1.97 -30.95 -8.16
CA ARG A 23 3.33 -30.41 -8.12
C ARG A 23 4.18 -31.09 -7.07
N LYS A 24 3.63 -31.26 -5.87
CA LYS A 24 4.34 -31.96 -4.79
C LYS A 24 4.71 -33.37 -5.23
N GLU A 25 3.82 -33.98 -6.00
CA GLU A 25 4.03 -35.31 -6.54
C GLU A 25 5.35 -35.36 -7.26
N LYS A 26 5.49 -34.46 -8.22
CA LYS A 26 6.72 -34.36 -9.00
C LYS A 26 7.89 -34.00 -8.13
N GLY A 27 7.64 -33.83 -6.84
CA GLY A 27 8.70 -33.48 -5.93
C GLY A 27 9.23 -32.06 -6.08
N ILE A 28 8.41 -31.09 -5.67
CA ILE A 28 8.78 -29.68 -5.75
C ILE A 28 8.33 -28.91 -4.54
N LYS A 29 9.28 -28.24 -3.90
CA LYS A 29 8.99 -27.46 -2.72
C LYS A 29 7.84 -26.48 -2.93
N LEU A 30 6.67 -26.82 -2.41
CA LEU A 30 5.50 -25.96 -2.54
C LEU A 30 5.74 -24.58 -1.95
N ASN A 31 4.85 -23.63 -2.26
CA ASN A 31 4.96 -22.29 -1.73
C ASN A 31 3.74 -21.88 -0.94
N TYR A 32 3.64 -20.60 -0.60
CA TYR A 32 2.51 -20.12 0.16
C TYR A 32 1.19 -20.50 -0.47
N VAL A 33 0.99 -20.10 -1.72
CA VAL A 33 -0.24 -20.39 -2.46
C VAL A 33 -0.55 -21.87 -2.57
N GLU A 34 0.44 -22.62 -3.04
CA GLU A 34 0.31 -24.06 -3.23
C GLU A 34 -0.01 -24.81 -1.97
N ALA A 35 0.66 -24.48 -0.88
CA ALA A 35 0.42 -25.12 0.39
C ALA A 35 -1.00 -24.91 0.87
N VAL A 36 -1.45 -23.66 0.82
CA VAL A 36 -2.79 -23.30 1.25
C VAL A 36 -3.86 -23.94 0.41
N ALA A 37 -3.77 -23.79 -0.90
CA ALA A 37 -4.75 -24.39 -1.77
C ALA A 37 -4.87 -25.88 -1.48
N LEU A 38 -3.72 -26.53 -1.45
CA LEU A 38 -3.66 -27.96 -1.16
C LEU A 38 -4.42 -28.30 0.09
N ILE A 39 -4.07 -27.67 1.20
CA ILE A 39 -4.78 -27.94 2.46
C ILE A 39 -6.26 -27.69 2.34
N SER A 40 -6.61 -26.67 1.57
CA SER A 40 -8.01 -26.34 1.36
C SER A 40 -8.74 -27.37 0.54
N ALA A 41 -8.19 -27.72 -0.61
CA ALA A 41 -8.79 -28.72 -1.49
C ALA A 41 -9.04 -30.03 -0.77
N HIS A 42 -8.09 -30.38 0.09
CA HIS A 42 -8.18 -31.59 0.87
C HIS A 42 -9.40 -31.61 1.74
N ILE A 43 -9.41 -30.77 2.76
CA ILE A 43 -10.54 -30.67 3.68
C ILE A 43 -11.87 -30.71 2.96
N MET A 44 -11.93 -30.03 1.81
CA MET A 44 -13.14 -29.97 1.00
C MET A 44 -13.68 -31.33 0.61
N GLU A 45 -12.79 -32.18 0.10
CA GLU A 45 -13.20 -33.52 -0.28
C GLU A 45 -13.66 -34.32 0.90
N GLU A 46 -12.86 -34.30 1.96
CA GLU A 46 -13.19 -35.06 3.16
C GLU A 46 -14.56 -34.76 3.69
N ALA A 47 -14.99 -33.51 3.61
CA ALA A 47 -16.32 -33.17 4.07
C ALA A 47 -17.34 -33.75 3.13
N ARG A 48 -16.97 -33.84 1.86
CA ARG A 48 -17.86 -34.42 0.85
C ARG A 48 -18.16 -35.88 1.14
N ALA A 49 -17.13 -36.59 1.57
CA ALA A 49 -17.22 -38.01 1.89
C ALA A 49 -18.12 -38.29 3.07
N GLY A 50 -18.32 -37.29 3.90
CA GLY A 50 -19.20 -37.43 5.06
C GLY A 50 -18.68 -38.30 6.18
N LYS A 51 -17.39 -38.58 6.17
CA LYS A 51 -16.77 -39.39 7.21
C LYS A 51 -16.20 -38.57 8.34
N LYS A 52 -15.05 -37.95 8.12
CA LYS A 52 -14.42 -37.14 9.14
C LYS A 52 -15.27 -35.98 9.62
N THR A 53 -15.32 -35.81 10.95
CA THR A 53 -16.08 -34.71 11.54
C THR A 53 -15.33 -33.43 11.43
N ALA A 54 -16.03 -32.31 11.60
CA ALA A 54 -15.39 -31.01 11.54
C ALA A 54 -14.20 -30.95 12.45
N ALA A 55 -14.41 -31.35 13.69
CA ALA A 55 -13.37 -31.35 14.72
C ALA A 55 -12.12 -32.13 14.35
N GLU A 56 -12.31 -33.24 13.63
CA GLU A 56 -11.18 -34.08 13.23
C GLU A 56 -10.34 -33.47 12.12
N LEU A 57 -10.99 -32.90 11.12
CA LEU A 57 -10.31 -32.28 10.01
C LEU A 57 -9.45 -31.11 10.43
N MET A 58 -9.84 -30.46 11.51
CA MET A 58 -9.06 -29.34 12.04
C MET A 58 -7.61 -29.75 12.22
N GLN A 59 -7.45 -30.99 12.68
CA GLN A 59 -6.13 -31.57 12.92
C GLN A 59 -5.56 -32.27 11.73
N GLU A 60 -6.29 -33.23 11.18
CA GLU A 60 -5.81 -33.97 10.02
C GLU A 60 -5.18 -33.09 8.97
N GLY A 61 -5.60 -31.83 8.94
CA GLY A 61 -5.09 -30.88 7.97
C GLY A 61 -3.65 -30.51 8.29
N ARG A 62 -3.26 -30.73 9.54
CA ARG A 62 -1.92 -30.43 9.99
C ARG A 62 -0.93 -31.50 9.59
N THR A 63 -1.42 -32.53 8.90
CA THR A 63 -0.55 -33.63 8.46
C THR A 63 -0.50 -33.80 6.96
N LEU A 64 -0.93 -32.79 6.23
CA LEU A 64 -0.94 -32.83 4.78
C LEU A 64 0.38 -32.43 4.18
N LEU A 65 1.20 -31.79 4.98
CA LEU A 65 2.51 -31.34 4.50
C LEU A 65 3.55 -31.29 5.58
N LYS A 66 4.76 -31.72 5.22
CA LYS A 66 5.87 -31.70 6.17
C LYS A 66 6.88 -30.63 5.79
N PRO A 67 7.52 -30.01 6.78
CA PRO A 67 8.51 -28.95 6.63
C PRO A 67 9.48 -29.05 5.46
N ASP A 68 9.68 -30.25 4.94
CA ASP A 68 10.60 -30.42 3.82
C ASP A 68 9.92 -30.42 2.49
N ASP A 69 8.59 -30.38 2.53
CA ASP A 69 7.77 -30.36 1.33
C ASP A 69 7.58 -28.95 0.78
N VAL A 70 7.67 -27.97 1.68
CA VAL A 70 7.49 -26.57 1.31
C VAL A 70 8.77 -25.76 1.23
N MET A 71 8.66 -24.55 0.70
CA MET A 71 9.79 -23.65 0.59
C MET A 71 10.02 -22.93 1.89
N ASP A 72 11.26 -22.53 2.15
CA ASP A 72 11.54 -21.84 3.39
C ASP A 72 10.86 -20.50 3.44
N GLY A 73 10.06 -20.31 4.48
CA GLY A 73 9.34 -19.07 4.65
C GLY A 73 7.88 -19.43 4.73
N VAL A 74 7.47 -20.40 3.91
CA VAL A 74 6.07 -20.83 3.89
C VAL A 74 5.51 -21.12 5.26
N ALA A 75 6.28 -21.82 6.10
CA ALA A 75 5.82 -22.13 7.45
C ALA A 75 5.48 -20.89 8.24
N SER A 76 6.47 -20.03 8.43
CA SER A 76 6.29 -18.78 9.17
C SER A 76 5.15 -17.97 8.62
N MET A 77 4.76 -18.29 7.39
CA MET A 77 3.69 -17.57 6.72
C MET A 77 2.32 -18.11 6.99
N ILE A 78 2.06 -19.35 6.62
CA ILE A 78 0.73 -19.92 6.82
C ILE A 78 0.34 -20.07 8.28
N HIS A 79 0.06 -18.96 8.96
CA HIS A 79 -0.34 -19.01 10.36
C HIS A 79 -1.48 -19.97 10.54
N GLU A 80 -2.41 -19.95 9.60
CA GLU A 80 -3.57 -20.85 9.63
C GLU A 80 -4.34 -20.84 8.33
N VAL A 81 -5.10 -21.89 8.09
CA VAL A 81 -5.90 -22.02 6.88
C VAL A 81 -7.36 -22.30 7.11
N GLY A 82 -8.16 -21.24 7.13
CA GLY A 82 -9.59 -21.39 7.33
C GLY A 82 -10.22 -21.87 6.05
N ILE A 83 -11.31 -22.63 6.17
CA ILE A 83 -12.00 -23.14 5.00
C ILE A 83 -13.36 -23.71 5.33
N GLU A 84 -14.32 -23.51 4.43
CA GLU A 84 -15.67 -24.03 4.62
C GLU A 84 -16.02 -25.09 3.63
N ALA A 85 -16.65 -26.14 4.11
CA ALA A 85 -17.07 -27.23 3.26
C ALA A 85 -18.40 -27.77 3.69
N MET A 86 -19.09 -28.46 2.79
CA MET A 86 -20.40 -29.01 3.13
C MET A 86 -20.38 -30.43 3.67
N PHE A 87 -20.60 -30.55 4.98
CA PHE A 87 -20.67 -31.83 5.68
C PHE A 87 -22.07 -32.40 5.59
N PRO A 88 -22.26 -33.68 5.98
CA PRO A 88 -23.64 -34.13 5.85
C PRO A 88 -24.61 -33.27 6.66
N ASP A 89 -24.06 -32.56 7.64
CA ASP A 89 -24.89 -31.68 8.47
C ASP A 89 -24.86 -30.23 8.00
N GLY A 90 -24.37 -30.02 6.79
CA GLY A 90 -24.30 -28.68 6.23
C GLY A 90 -22.89 -28.14 6.27
N THR A 91 -22.71 -26.92 5.77
CA THR A 91 -21.40 -26.29 5.79
C THR A 91 -20.95 -25.94 7.19
N LYS A 92 -19.66 -26.06 7.43
CA LYS A 92 -19.06 -25.75 8.72
C LYS A 92 -17.67 -25.17 8.54
N LEU A 93 -17.26 -24.28 9.43
CA LEU A 93 -15.95 -23.64 9.31
C LEU A 93 -14.82 -24.38 9.97
N VAL A 94 -13.93 -24.91 9.13
CA VAL A 94 -12.77 -25.66 9.60
C VAL A 94 -11.52 -24.80 9.55
N THR A 95 -10.90 -24.60 10.71
CA THR A 95 -9.68 -23.81 10.76
C THR A 95 -8.49 -24.66 11.12
N VAL A 96 -7.63 -24.90 10.13
CA VAL A 96 -6.43 -25.70 10.35
C VAL A 96 -5.28 -24.86 10.83
N HIS A 97 -5.13 -24.75 12.14
CA HIS A 97 -4.08 -23.96 12.74
C HIS A 97 -2.67 -24.49 12.52
N THR A 98 -1.77 -23.62 12.07
CA THR A 98 -0.37 -23.97 11.82
C THR A 98 -0.20 -25.35 11.24
N PRO A 99 -0.50 -25.51 9.95
CA PRO A 99 -0.41 -26.78 9.23
C PRO A 99 0.98 -27.35 9.06
N ILE A 100 1.97 -26.49 8.84
CA ILE A 100 3.35 -26.94 8.67
C ILE A 100 4.27 -26.30 9.69
N GLU A 101 5.52 -26.72 9.75
CA GLU A 101 6.44 -26.14 10.72
C GLU A 101 7.64 -25.43 10.17
N ALA A 102 8.17 -24.50 10.96
CA ALA A 102 9.31 -23.66 10.59
C ALA A 102 10.67 -24.33 10.56
N ASN A 103 10.87 -25.23 9.59
CA ASN A 103 12.15 -25.93 9.45
C ASN A 103 13.10 -25.14 8.59
N GLY A 104 13.39 -23.91 9.01
CA GLY A 104 14.30 -23.08 8.24
C GLY A 104 14.51 -21.69 8.78
N LYS A 105 15.38 -20.94 8.11
CA LYS A 105 15.69 -19.57 8.49
C LYS A 105 14.64 -18.58 8.04
N LEU A 106 14.74 -18.18 6.78
CA LEU A 106 13.84 -17.21 6.16
C LEU A 106 12.46 -17.13 6.75
N VAL A 107 12.12 -15.91 7.15
CA VAL A 107 10.83 -15.59 7.73
C VAL A 107 10.33 -14.23 7.26
N PRO A 108 9.56 -14.22 6.16
CA PRO A 108 8.99 -13.01 5.56
C PRO A 108 8.44 -11.99 6.54
N GLY A 109 8.82 -10.74 6.35
CA GLY A 109 8.36 -9.68 7.21
C GLY A 109 8.70 -9.84 8.67
N GLU A 110 9.54 -10.80 9.02
CA GLU A 110 9.89 -11.02 10.42
C GLU A 110 10.20 -9.74 11.16
N LEU A 111 9.95 -9.74 12.46
CA LEU A 111 10.19 -8.56 13.27
C LEU A 111 11.47 -8.64 14.08
N PHE A 112 12.14 -7.49 14.19
CA PHE A 112 13.36 -7.39 14.97
C PHE A 112 13.21 -6.38 16.08
N LEU A 113 12.34 -6.69 17.03
CA LEU A 113 12.11 -5.79 18.14
C LEU A 113 13.38 -5.52 18.90
N LYS A 114 13.30 -4.63 19.89
CA LYS A 114 14.49 -4.34 20.66
C LYS A 114 14.29 -4.46 22.14
N ASN A 115 14.48 -5.69 22.62
CA ASN A 115 14.33 -5.99 24.04
C ASN A 115 14.43 -4.77 24.91
N GLU A 116 13.30 -4.45 25.51
CA GLU A 116 13.13 -3.31 26.37
C GLU A 116 11.68 -3.16 26.68
N ASP A 117 11.34 -2.46 27.74
CA ASP A 117 9.94 -2.39 28.01
C ASP A 117 9.32 -1.05 27.92
N ILE A 118 8.26 -1.00 27.14
CA ILE A 118 7.52 0.22 26.97
C ILE A 118 6.80 0.54 28.25
N THR A 119 6.95 1.76 28.73
CA THR A 119 6.28 2.13 29.94
C THR A 119 4.96 2.86 29.65
N ILE A 120 3.86 2.15 29.89
CA ILE A 120 2.50 2.63 29.64
C ILE A 120 1.97 3.66 30.64
N ASN A 121 1.12 4.57 30.14
CA ASN A 121 0.51 5.60 30.97
C ASN A 121 1.48 6.37 31.82
N GLU A 122 2.61 6.75 31.22
CA GLU A 122 3.63 7.52 31.93
C GLU A 122 3.03 8.48 32.94
N GLY A 123 3.68 8.56 34.10
CA GLY A 123 3.25 9.46 35.16
C GLY A 123 1.78 9.59 35.50
N LYS A 124 1.07 8.46 35.61
CA LYS A 124 -0.33 8.53 35.96
C LYS A 124 -0.69 7.79 37.24
N LYS A 125 0.30 7.67 38.12
CA LYS A 125 0.17 6.99 39.43
C LYS A 125 -1.14 6.26 39.65
N ALA A 126 -1.06 4.94 39.69
CA ALA A 126 -2.25 4.12 39.88
C ALA A 126 -2.69 4.04 41.31
N VAL A 127 -3.79 3.33 41.51
CA VAL A 127 -4.35 3.10 42.83
C VAL A 127 -5.05 1.78 42.86
N SER A 128 -4.86 1.02 43.93
CA SER A 128 -5.50 -0.28 44.01
C SER A 128 -6.86 -0.24 44.65
N VAL A 129 -7.77 -1.06 44.14
CA VAL A 129 -9.12 -1.11 44.67
C VAL A 129 -9.66 -2.50 44.82
N LYS A 130 -10.26 -2.78 45.97
CA LYS A 130 -10.84 -4.08 46.20
C LYS A 130 -12.12 -4.22 45.45
N VAL A 131 -12.19 -5.22 44.58
CA VAL A 131 -13.37 -5.44 43.78
C VAL A 131 -13.87 -6.86 43.85
N LYS A 132 -15.18 -7.02 44.04
CA LYS A 132 -15.80 -8.34 44.10
C LYS A 132 -17.10 -8.43 43.31
N ASN A 133 -17.26 -9.52 42.58
CA ASN A 133 -18.46 -9.70 41.77
C ASN A 133 -19.55 -10.47 42.50
N VAL A 134 -20.42 -9.72 43.17
CA VAL A 134 -21.53 -10.25 43.94
C VAL A 134 -22.65 -10.86 43.11
N GLY A 135 -22.54 -10.74 41.78
CA GLY A 135 -23.57 -11.27 40.91
C GLY A 135 -23.32 -12.70 40.47
N ASP A 136 -24.32 -13.31 39.82
CA ASP A 136 -24.19 -14.68 39.36
C ASP A 136 -23.75 -14.84 37.92
N ARG A 137 -23.35 -13.73 37.30
CA ARG A 137 -22.87 -13.74 35.91
C ARG A 137 -21.52 -13.04 35.78
N PRO A 138 -20.73 -13.39 34.76
CA PRO A 138 -19.40 -12.79 34.56
C PRO A 138 -19.46 -11.30 34.22
N VAL A 139 -18.38 -10.59 34.51
CA VAL A 139 -18.30 -9.16 34.22
C VAL A 139 -16.88 -8.68 33.87
N GLN A 140 -16.68 -8.34 32.60
CA GLN A 140 -15.38 -7.88 32.11
C GLN A 140 -15.36 -6.43 31.64
N ILE A 141 -14.50 -5.64 32.29
CA ILE A 141 -14.37 -4.21 32.02
C ILE A 141 -13.20 -3.86 31.14
N GLY A 142 -13.44 -2.94 30.20
CA GLY A 142 -12.41 -2.52 29.27
C GLY A 142 -11.40 -1.53 29.84
N SER A 143 -10.29 -1.36 29.13
CA SER A 143 -9.23 -0.47 29.58
C SER A 143 -9.58 1.00 29.72
N HIS A 144 -10.47 1.52 28.89
CA HIS A 144 -10.81 2.94 28.99
C HIS A 144 -12.21 3.26 29.43
N PHE A 145 -12.83 2.34 30.16
CA PHE A 145 -14.19 2.53 30.64
C PHE A 145 -14.21 3.24 31.97
N HIS A 146 -14.95 4.33 32.09
CA HIS A 146 -15.07 5.00 33.39
C HIS A 146 -15.40 3.93 34.41
N PHE A 147 -14.41 3.48 35.17
CA PHE A 147 -14.62 2.40 36.15
C PHE A 147 -15.80 2.60 37.06
N PHE A 148 -15.94 3.81 37.57
CA PHE A 148 -17.03 4.19 38.48
C PHE A 148 -18.42 3.76 38.05
N GLU A 149 -18.61 3.42 36.77
CA GLU A 149 -19.93 3.05 36.27
C GLU A 149 -20.07 1.63 35.74
N VAL A 150 -19.20 0.72 36.13
CA VAL A 150 -19.35 -0.65 35.63
C VAL A 150 -20.55 -1.34 36.19
N ASN A 151 -20.84 -2.53 35.70
CA ASN A 151 -21.98 -3.30 36.18
C ASN A 151 -22.29 -3.02 37.62
N ARG A 152 -23.54 -2.75 37.93
CA ARG A 152 -23.90 -2.46 39.30
C ARG A 152 -23.63 -3.62 40.23
N CYS A 153 -23.16 -4.72 39.66
CA CYS A 153 -22.87 -5.89 40.47
C CYS A 153 -21.54 -5.81 41.17
N LEU A 154 -20.51 -5.39 40.45
CA LEU A 154 -19.20 -5.27 41.07
C LEU A 154 -19.20 -4.37 42.28
N ASP A 155 -19.04 -4.96 43.46
CA ASP A 155 -19.01 -4.19 44.70
C ASP A 155 -17.63 -3.70 45.04
N PHE A 156 -17.56 -2.43 45.41
CA PHE A 156 -16.32 -1.77 45.76
C PHE A 156 -16.53 -0.31 46.07
N ASP A 157 -15.46 0.39 46.43
CA ASP A 157 -15.57 1.79 46.77
C ASP A 157 -15.72 2.72 45.57
N ARG A 158 -16.94 2.82 45.03
CA ARG A 158 -17.18 3.69 43.89
C ARG A 158 -16.56 5.05 44.06
N GLU A 159 -16.79 5.64 45.22
CA GLU A 159 -16.28 6.97 45.57
C GLU A 159 -14.82 7.20 45.20
N LYS A 160 -14.01 6.17 45.44
CA LYS A 160 -12.57 6.23 45.15
C LYS A 160 -12.17 6.12 43.70
N THR A 161 -13.04 5.58 42.85
CA THR A 161 -12.69 5.41 41.44
C THR A 161 -13.32 6.38 40.46
N PHE A 162 -13.82 7.50 40.96
CA PHE A 162 -14.43 8.50 40.08
C PHE A 162 -13.44 9.13 39.15
N GLY A 163 -13.76 9.13 37.86
CA GLY A 163 -12.86 9.72 36.88
C GLY A 163 -11.59 8.94 36.66
N LYS A 164 -11.68 7.63 36.81
CA LYS A 164 -10.53 6.76 36.62
C LYS A 164 -10.84 5.58 35.74
N ARG A 165 -9.79 4.94 35.24
CA ARG A 165 -9.89 3.78 34.37
C ARG A 165 -8.80 2.78 34.65
N LEU A 166 -9.05 1.51 34.34
CA LEU A 166 -8.07 0.44 34.55
C LEU A 166 -6.72 0.71 33.95
N ASP A 167 -5.73 0.94 34.79
CA ASP A 167 -4.36 1.20 34.34
C ASP A 167 -3.73 0.00 33.65
N ILE A 168 -4.17 -0.25 32.42
CA ILE A 168 -3.67 -1.38 31.62
C ILE A 168 -3.49 -1.03 30.17
N ALA A 169 -2.80 -1.89 29.43
CA ALA A 169 -2.58 -1.66 28.02
C ALA A 169 -3.87 -1.34 27.31
N ALA A 170 -3.86 -0.30 26.48
CA ALA A 170 -5.07 0.08 25.76
C ALA A 170 -5.71 -1.06 24.99
N GLY A 171 -7.02 -1.21 25.13
CA GLY A 171 -7.72 -2.26 24.41
C GLY A 171 -8.01 -3.53 25.18
N THR A 172 -7.33 -3.73 26.30
CA THR A 172 -7.50 -4.94 27.09
C THR A 172 -8.53 -4.78 28.17
N ALA A 173 -8.73 -5.85 28.93
CA ALA A 173 -9.70 -5.81 30.00
C ALA A 173 -9.41 -6.76 31.15
N VAL A 174 -10.16 -6.57 32.22
CA VAL A 174 -10.07 -7.36 33.43
C VAL A 174 -11.33 -8.13 33.67
N ARG A 175 -11.23 -9.44 33.84
CA ARG A 175 -12.40 -10.28 34.05
C ARG A 175 -12.69 -10.57 35.51
N PHE A 176 -13.97 -10.64 35.84
CA PHE A 176 -14.43 -10.93 37.20
C PHE A 176 -15.45 -12.06 37.24
N GLU A 177 -15.00 -13.28 37.58
CA GLU A 177 -15.95 -14.38 37.64
C GLU A 177 -16.91 -14.23 38.79
N PRO A 178 -18.16 -14.66 38.60
CA PRO A 178 -19.10 -14.50 39.72
C PRO A 178 -18.47 -15.03 40.98
N GLY A 179 -18.47 -14.19 42.01
CA GLY A 179 -17.89 -14.59 43.28
C GLY A 179 -16.46 -14.06 43.43
N GLU A 180 -15.69 -14.11 42.35
CA GLU A 180 -14.31 -13.63 42.39
C GLU A 180 -14.13 -12.27 43.02
N GLU A 181 -12.95 -12.07 43.62
CA GLU A 181 -12.60 -10.81 44.26
C GLU A 181 -11.15 -10.45 44.04
N LYS A 182 -10.92 -9.28 43.47
CA LYS A 182 -9.57 -8.82 43.18
C LYS A 182 -9.37 -7.35 43.38
N SER A 183 -8.11 -6.95 43.36
CA SER A 183 -7.73 -5.56 43.51
C SER A 183 -7.20 -5.02 42.20
N VAL A 184 -7.86 -4.03 41.65
CA VAL A 184 -7.43 -3.50 40.36
C VAL A 184 -6.76 -2.15 40.41
N GLU A 185 -5.84 -1.95 39.47
CA GLU A 185 -5.13 -0.70 39.35
C GLU A 185 -5.90 0.26 38.46
N LEU A 186 -5.93 1.53 38.82
CA LEU A 186 -6.64 2.47 37.97
C LEU A 186 -6.19 3.90 38.08
N ILE A 187 -5.68 4.39 36.96
CA ILE A 187 -5.21 5.77 36.83
C ILE A 187 -6.32 6.70 36.46
N ASP A 188 -6.05 8.00 36.48
CA ASP A 188 -7.08 8.95 36.12
C ASP A 188 -7.19 9.12 34.65
N ILE A 189 -8.41 9.41 34.17
CA ILE A 189 -8.66 9.62 32.76
C ILE A 189 -7.95 10.87 32.24
N GLY A 190 -7.36 10.77 31.06
CA GLY A 190 -6.67 11.93 30.51
C GLY A 190 -7.57 12.88 29.75
N GLY A 191 -6.98 13.61 28.80
CA GLY A 191 -7.74 14.55 28.00
C GLY A 191 -8.47 15.56 28.84
N ASN A 192 -9.62 16.01 28.35
CA ASN A 192 -10.42 17.01 29.04
C ASN A 192 -11.27 16.42 30.13
N ARG A 193 -11.09 15.14 30.37
CA ARG A 193 -11.85 14.47 31.42
C ARG A 193 -13.32 14.76 31.31
N ARG A 194 -13.82 14.65 30.08
CA ARG A 194 -15.23 14.86 29.78
C ARG A 194 -15.95 13.54 29.65
N ILE A 195 -16.61 13.15 30.74
CA ILE A 195 -17.29 11.88 30.77
C ILE A 195 -18.76 11.91 30.33
N PHE A 196 -18.99 11.41 29.11
CA PHE A 196 -20.33 11.33 28.54
C PHE A 196 -20.66 9.94 28.04
N GLY A 197 -21.83 9.44 28.44
CA GLY A 197 -22.23 8.11 28.04
C GLY A 197 -22.14 7.11 29.17
N PHE A 198 -21.65 5.91 28.87
CA PHE A 198 -21.52 4.85 29.86
C PHE A 198 -22.85 4.50 30.50
N ASN A 199 -23.00 4.81 31.78
CA ASN A 199 -24.25 4.54 32.47
C ASN A 199 -25.05 5.80 32.73
N ALA A 200 -24.57 6.90 32.18
CA ALA A 200 -25.24 8.18 32.33
C ALA A 200 -25.11 8.72 33.70
N LEU A 201 -24.11 8.23 34.42
CA LEU A 201 -23.90 8.69 35.77
C LEU A 201 -23.19 10.03 35.88
N VAL A 202 -22.48 10.44 34.84
CA VAL A 202 -21.79 11.72 34.84
C VAL A 202 -22.26 12.68 33.78
N ASP A 203 -22.00 12.36 32.51
CA ASP A 203 -22.41 13.20 31.38
C ASP A 203 -22.07 14.67 31.51
N ARG A 204 -20.84 14.96 31.90
CA ARG A 204 -20.38 16.33 32.02
C ARG A 204 -18.93 16.42 32.42
N GLN A 205 -18.52 17.59 32.88
CA GLN A 205 -17.15 17.74 33.31
C GLN A 205 -16.89 16.96 34.56
N ALA A 206 -15.88 16.10 34.52
CA ALA A 206 -15.54 15.31 35.67
C ALA A 206 -14.74 16.09 36.68
N ASP A 207 -15.42 16.58 37.71
CA ASP A 207 -14.76 17.32 38.78
C ASP A 207 -15.27 16.86 40.14
N ASN A 208 -14.85 17.50 41.23
CA ASN A 208 -15.31 17.07 42.55
C ASN A 208 -16.79 17.24 42.75
N GLU A 209 -17.37 18.24 42.08
CA GLU A 209 -18.80 18.50 42.22
C GLU A 209 -19.64 17.52 41.43
N SER A 210 -19.19 17.22 40.21
CA SER A 210 -19.90 16.26 39.40
C SER A 210 -19.94 14.93 40.14
N LYS A 211 -18.87 14.69 40.89
CA LYS A 211 -18.73 13.48 41.69
C LYS A 211 -19.90 13.30 42.62
N LYS A 212 -20.21 14.35 43.38
CA LYS A 212 -21.32 14.32 44.30
C LYS A 212 -22.55 13.80 43.59
N ILE A 213 -22.78 14.38 42.42
CA ILE A 213 -23.92 14.02 41.61
C ILE A 213 -23.86 12.58 41.14
N ALA A 214 -22.66 12.13 40.76
CA ALA A 214 -22.49 10.76 40.29
C ALA A 214 -22.86 9.73 41.33
N LEU A 215 -22.32 9.91 42.54
CA LEU A 215 -22.60 9.01 43.65
C LEU A 215 -24.07 9.01 43.99
N HIS A 216 -24.65 10.21 44.04
CA HIS A 216 -26.07 10.30 44.33
C HIS A 216 -26.88 9.51 43.34
N ARG A 217 -26.50 9.63 42.07
CA ARG A 217 -27.17 8.92 41.00
C ARG A 217 -27.02 7.43 41.12
N ALA A 218 -25.77 6.97 41.22
CA ALA A 218 -25.49 5.54 41.35
C ALA A 218 -26.25 4.95 42.52
N LYS A 219 -26.26 5.72 43.61
CA LYS A 219 -26.96 5.35 44.82
C LYS A 219 -28.39 4.90 44.52
N GLU A 220 -29.16 5.80 43.91
CA GLU A 220 -30.54 5.54 43.55
C GLU A 220 -30.69 4.48 42.47
N ARG A 221 -29.62 4.22 41.75
CA ARG A 221 -29.65 3.23 40.68
C ARG A 221 -29.20 1.86 41.11
N GLY A 222 -28.79 1.75 42.37
CA GLY A 222 -28.38 0.47 42.92
C GLY A 222 -26.99 -0.07 42.62
N PHE A 223 -26.03 0.81 42.38
CA PHE A 223 -24.68 0.36 42.10
C PHE A 223 -23.89 0.09 43.35
N HIS A 224 -23.78 -1.19 43.72
CA HIS A 224 -23.04 -1.61 44.92
C HIS A 224 -21.81 -0.78 45.22
N GLY A 225 -21.67 -0.37 46.48
CA GLY A 225 -20.52 0.44 46.87
C GLY A 225 -20.73 1.92 46.71
N ALA A 226 -21.77 2.30 45.97
CA ALA A 226 -22.07 3.70 45.74
C ALA A 226 -22.38 4.42 47.04
N LYS A 227 -21.34 4.57 47.86
CA LYS A 227 -21.43 5.23 49.15
C LYS A 227 -22.84 5.29 49.68
N SER A 228 -23.28 6.48 50.12
CA SER A 228 -24.63 6.63 50.66
C SER A 228 -25.20 8.03 50.55
N ASP A 229 -26.50 8.15 50.81
CA ASP A 229 -27.19 9.43 50.75
C ASP A 229 -27.29 10.14 52.08
N ASP A 230 -26.15 10.69 52.52
CA ASP A 230 -26.10 11.43 53.77
C ASP A 230 -26.77 12.77 53.60
N ASN A 231 -27.96 12.72 53.02
CA ASN A 231 -28.77 13.89 52.75
C ASN A 231 -28.16 14.76 51.65
N TYR A 232 -28.66 14.52 50.45
CA TYR A 232 -28.23 15.21 49.23
C TYR A 232 -28.82 16.60 49.09
N VAL A 233 -28.06 17.51 48.48
CA VAL A 233 -28.53 18.89 48.30
C VAL A 233 -28.68 19.29 46.84
N LYS A 234 -29.46 18.52 46.09
CA LYS A 234 -29.73 18.75 44.66
C LYS A 234 -29.39 20.12 44.11
N THR A 235 -28.65 20.15 43.00
CA THR A 235 -28.29 21.41 42.34
C THR A 235 -29.36 21.83 41.38
N ILE A 236 -29.19 23.00 40.75
CA ILE A 236 -30.19 23.50 39.83
C ILE A 236 -30.33 22.72 38.54
N LYS A 237 -29.43 21.75 38.36
CA LYS A 237 -29.48 20.94 37.15
C LYS A 237 -28.72 19.65 37.29
N GLU A 238 -29.45 18.55 37.20
CA GLU A 238 -28.86 17.23 37.32
C GLU A 238 -29.86 16.13 37.09
N MET B 1 1.12 3.70 36.41
CA MET B 1 1.79 3.73 35.07
C MET B 1 2.51 2.44 34.78
N LYS B 2 1.97 1.36 35.31
CA LYS B 2 2.56 0.04 35.09
C LYS B 2 3.11 -0.14 33.69
N LYS B 3 4.18 -0.92 33.54
CA LYS B 3 4.78 -1.13 32.22
C LYS B 3 4.68 -2.54 31.66
N ILE B 4 4.83 -2.64 30.33
CA ILE B 4 4.74 -3.93 29.62
C ILE B 4 5.89 -4.19 28.66
N SER B 5 6.19 -5.47 28.41
CA SER B 5 7.29 -5.85 27.53
C SER B 5 7.10 -5.48 26.08
N ARG B 6 8.20 -5.41 25.34
CA ARG B 6 8.12 -5.07 23.93
C ARG B 6 7.49 -6.13 23.07
N LYS B 7 7.74 -7.40 23.39
CA LYS B 7 7.15 -8.45 22.60
C LYS B 7 5.66 -8.32 22.61
N GLU B 8 5.10 -8.17 23.81
CA GLU B 8 3.67 -8.03 23.94
C GLU B 8 3.15 -6.84 23.18
N TYR B 9 3.55 -5.66 23.63
CA TYR B 9 3.14 -4.40 23.02
C TYR B 9 3.02 -4.48 21.51
N VAL B 10 4.01 -5.08 20.86
CA VAL B 10 4.04 -5.17 19.40
C VAL B 10 2.99 -6.08 18.79
N SER B 11 2.38 -6.94 19.60
CA SER B 11 1.35 -7.83 19.07
C SER B 11 -0.01 -7.23 19.26
N MET B 12 -0.02 -6.02 19.80
CA MET B 12 -1.25 -5.27 20.03
C MET B 12 -1.32 -4.01 19.24
N TYR B 13 -0.17 -3.35 19.10
CA TYR B 13 -0.14 -2.10 18.37
C TYR B 13 0.85 -2.08 17.23
N GLY B 14 1.64 -3.14 17.12
CA GLY B 14 2.63 -3.20 16.05
C GLY B 14 3.94 -2.57 16.49
N PRO B 15 4.99 -2.70 15.68
CA PRO B 15 6.32 -2.14 15.97
C PRO B 15 6.33 -0.69 16.32
N THR B 16 7.15 -0.34 17.30
CA THR B 16 7.30 1.04 17.73
C THR B 16 8.72 1.53 17.43
N THR B 17 9.05 2.74 17.87
CA THR B 17 10.37 3.32 17.58
C THR B 17 11.54 2.39 17.80
N GLY B 18 12.54 2.48 16.91
CA GLY B 18 13.73 1.65 17.01
C GLY B 18 13.61 0.18 16.61
N ASP B 19 12.38 -0.32 16.44
CA ASP B 19 12.18 -1.70 16.04
C ASP B 19 12.34 -1.90 14.56
N LYS B 20 12.62 -3.11 14.11
CA LYS B 20 12.84 -3.32 12.69
C LYS B 20 11.98 -4.36 12.03
N VAL B 21 11.62 -4.09 10.78
CA VAL B 21 10.83 -5.03 10.02
C VAL B 21 11.51 -5.44 8.77
N ARG B 22 11.42 -6.72 8.45
CA ARG B 22 11.99 -7.19 7.24
C ARG B 22 10.95 -7.04 6.18
N LEU B 23 11.34 -6.51 5.03
CA LEU B 23 10.37 -6.32 3.96
C LEU B 23 10.23 -7.54 3.10
N GLY B 24 9.10 -8.23 3.25
CA GLY B 24 8.86 -9.43 2.49
C GLY B 24 10.01 -10.40 2.70
N ASP B 25 10.31 -11.22 1.69
CA ASP B 25 11.40 -12.18 1.79
C ASP B 25 12.72 -11.59 1.35
N THR B 26 12.79 -10.26 1.33
CA THR B 26 14.02 -9.57 0.94
C THR B 26 14.94 -9.35 2.12
N ASP B 27 16.10 -8.77 1.86
CA ASP B 27 17.09 -8.50 2.90
C ASP B 27 17.01 -7.06 3.37
N LEU B 28 16.04 -6.34 2.83
CA LEU B 28 15.82 -4.94 3.19
C LEU B 28 15.13 -4.80 4.53
N ILE B 29 15.84 -4.29 5.51
CA ILE B 29 15.28 -4.12 6.86
C ILE B 29 14.97 -2.67 7.21
N ALA B 30 13.69 -2.42 7.50
CA ALA B 30 13.22 -1.09 7.85
C ALA B 30 13.09 -0.86 9.33
N GLU B 31 13.38 0.36 9.77
CA GLU B 31 13.29 0.68 11.18
C GLU B 31 12.38 1.85 11.51
N VAL B 32 11.43 1.62 12.42
CA VAL B 32 10.50 2.65 12.85
C VAL B 32 11.22 3.83 13.41
N GLU B 33 11.21 4.93 12.67
CA GLU B 33 11.92 6.13 13.08
C GLU B 33 11.26 6.94 14.19
N HIS B 34 9.93 7.01 14.21
CA HIS B 34 9.22 7.77 15.24
C HIS B 34 7.83 7.22 15.54
N ASP B 35 7.26 7.61 16.68
CA ASP B 35 5.91 7.16 17.02
C ASP B 35 5.11 8.27 17.66
N TYR B 36 4.02 8.67 17.00
CA TYR B 36 3.17 9.74 17.50
C TYR B 36 2.20 9.33 18.58
N THR B 37 2.00 8.03 18.78
CA THR B 37 1.06 7.62 19.81
C THR B 37 1.54 7.96 21.18
N ILE B 38 0.71 7.68 22.17
CA ILE B 38 1.05 7.91 23.57
C ILE B 38 0.82 6.67 24.39
N TYR B 39 1.86 5.84 24.46
CA TYR B 39 1.83 4.59 25.19
C TYR B 39 0.86 4.55 26.35
N GLY B 40 -0.22 3.79 26.17
CA GLY B 40 -1.26 3.65 27.17
C GLY B 40 -2.60 4.12 26.63
N GLU B 41 -2.53 5.01 25.64
CA GLU B 41 -3.71 5.61 25.00
C GLU B 41 -3.92 5.20 23.55
N GLU B 42 -3.07 4.32 23.04
CA GLU B 42 -3.20 3.87 21.66
C GLU B 42 -4.59 3.36 21.32
N LEU B 43 -4.98 3.52 20.06
CA LEU B 43 -6.31 3.12 19.62
C LEU B 43 -6.44 1.69 19.19
N LYS B 44 -7.49 1.06 19.68
CA LYS B 44 -7.78 -0.34 19.38
C LYS B 44 -9.26 -0.56 19.19
N PHE B 45 -9.63 -1.28 18.13
CA PHE B 45 -11.03 -1.55 17.89
C PHE B 45 -11.42 -2.98 18.18
N GLY B 46 -12.47 -3.19 18.96
CA GLY B 46 -12.88 -4.55 19.24
C GLY B 46 -13.81 -4.79 20.43
N GLY B 47 -14.29 -6.02 20.53
CA GLY B 47 -15.20 -6.44 21.58
C GLY B 47 -15.19 -5.61 22.85
N GLY B 48 -14.02 -5.52 23.50
CA GLY B 48 -13.95 -4.74 24.72
C GLY B 48 -12.84 -3.72 24.60
N LYS B 49 -12.39 -3.50 23.37
CA LYS B 49 -11.32 -2.57 23.13
C LYS B 49 -11.63 -1.12 23.44
N THR B 50 -10.78 -0.25 22.90
CA THR B 50 -10.84 1.19 23.14
C THR B 50 -11.79 2.04 22.29
N LEU B 51 -12.03 1.68 21.03
CA LEU B 51 -12.90 2.49 20.17
C LEU B 51 -14.37 2.27 20.40
N ARG B 52 -14.90 2.90 21.43
CA ARG B 52 -16.31 2.77 21.76
C ARG B 52 -16.91 4.03 22.33
N GLU B 53 -18.23 4.11 22.28
CA GLU B 53 -18.99 5.26 22.77
C GLU B 53 -18.46 5.88 24.05
N GLY B 54 -18.29 7.20 24.04
CA GLY B 54 -17.80 7.93 25.21
C GLY B 54 -16.33 7.77 25.52
N MET B 55 -15.73 6.70 25.01
CA MET B 55 -14.32 6.41 25.24
C MET B 55 -13.41 6.95 24.16
N SER B 56 -12.79 6.07 23.36
CA SER B 56 -11.94 6.55 22.27
C SER B 56 -12.77 7.32 21.28
N GLN B 57 -13.98 6.82 21.09
CA GLN B 57 -14.93 7.48 20.22
C GLN B 57 -15.61 8.57 21.02
N SER B 58 -15.54 9.80 20.55
CA SER B 58 -16.12 10.91 21.28
C SER B 58 -17.61 11.05 21.15
N ASN B 59 -18.20 11.63 22.19
CA ASN B 59 -19.62 11.93 22.20
C ASN B 59 -19.79 13.41 22.02
N ASN B 60 -18.64 14.06 21.91
CA ASN B 60 -18.52 15.49 21.69
C ASN B 60 -17.39 15.75 20.73
N PRO B 61 -17.43 15.09 19.55
CA PRO B 61 -16.37 15.26 18.56
C PRO B 61 -16.17 16.66 18.10
N SER B 62 -15.07 16.88 17.42
CA SER B 62 -14.81 18.18 16.87
C SER B 62 -15.52 18.26 15.56
N LYS B 63 -15.86 19.46 15.14
CA LYS B 63 -16.54 19.63 13.87
C LYS B 63 -15.61 19.43 12.70
N GLU B 64 -14.84 18.36 12.77
CA GLU B 64 -13.90 17.94 11.73
C GLU B 64 -13.85 16.45 11.70
N GLU B 65 -14.61 15.89 12.63
CA GLU B 65 -14.78 14.45 12.82
C GLU B 65 -14.39 13.65 11.59
N LEU B 66 -13.55 12.64 11.79
CA LEU B 66 -13.08 11.77 10.70
C LEU B 66 -14.12 10.81 10.18
N ASP B 67 -13.93 10.33 8.96
CA ASP B 67 -14.82 9.35 8.35
C ASP B 67 -14.23 7.97 8.46
N LEU B 68 -12.94 7.93 8.78
CA LEU B 68 -12.19 6.69 8.86
C LEU B 68 -10.81 6.85 9.52
N ILE B 69 -10.48 5.95 10.45
CA ILE B 69 -9.18 5.96 11.12
C ILE B 69 -8.46 4.68 10.95
N ILE B 70 -7.25 4.74 10.43
CA ILE B 70 -6.45 3.55 10.31
C ILE B 70 -5.59 3.54 11.54
N THR B 71 -5.88 2.66 12.50
CA THR B 71 -5.13 2.64 13.75
C THR B 71 -3.78 1.97 13.71
N ASN B 72 -2.86 2.55 14.48
CA ASN B 72 -1.51 2.05 14.64
C ASN B 72 -0.88 1.53 13.40
N ALA B 73 -0.82 2.35 12.36
CA ALA B 73 -0.21 1.93 11.11
C ALA B 73 1.23 2.37 10.98
N LEU B 74 2.05 1.53 10.34
CA LEU B 74 3.44 1.88 10.11
C LEU B 74 3.56 2.47 8.73
N ILE B 75 3.73 3.79 8.69
CA ILE B 75 3.82 4.51 7.45
C ILE B 75 5.18 4.52 6.79
N VAL B 76 5.26 3.90 5.63
CA VAL B 76 6.51 3.90 4.86
C VAL B 76 6.35 4.86 3.70
N ASP B 77 7.06 5.97 3.78
CA ASP B 77 6.97 7.00 2.75
C ASP B 77 8.27 7.77 2.62
N TYR B 78 8.50 8.38 1.47
CA TYR B 78 9.74 9.14 1.29
C TYR B 78 9.92 10.19 2.36
N THR B 79 8.84 10.49 3.08
CA THR B 79 8.88 11.48 4.15
C THR B 79 9.32 10.88 5.45
N GLY B 80 9.37 9.56 5.45
CA GLY B 80 9.80 8.84 6.63
C GLY B 80 9.15 7.48 6.80
N ILE B 81 9.62 6.77 7.81
CA ILE B 81 9.10 5.46 8.18
C ILE B 81 8.73 5.53 9.64
N TYR B 82 7.44 5.70 9.93
CA TYR B 82 7.06 5.83 11.32
C TYR B 82 5.74 5.24 11.68
N LYS B 83 5.46 5.33 12.98
CA LYS B 83 4.23 4.81 13.57
C LYS B 83 3.25 5.92 13.84
N ALA B 84 2.00 5.72 13.47
CA ALA B 84 0.99 6.74 13.69
C ALA B 84 -0.35 6.39 13.13
N ASP B 85 -1.39 7.04 13.67
CA ASP B 85 -2.73 6.83 13.19
C ASP B 85 -2.99 7.71 11.97
N ILE B 86 -3.76 7.19 11.02
CA ILE B 86 -4.11 7.96 9.83
C ILE B 86 -5.59 8.30 9.84
N GLY B 87 -5.90 9.59 9.75
CA GLY B 87 -7.29 10.02 9.75
C GLY B 87 -7.78 10.33 8.35
N ILE B 88 -8.97 9.85 8.01
CA ILE B 88 -9.51 10.11 6.69
C ILE B 88 -10.86 10.77 6.67
N LYS B 89 -10.94 11.90 5.96
CA LYS B 89 -12.18 12.66 5.82
C LYS B 89 -12.36 13.23 4.44
N ASP B 90 -13.57 13.08 3.91
CA ASP B 90 -13.92 13.54 2.57
C ASP B 90 -12.93 13.13 1.50
N GLY B 91 -12.68 11.83 1.39
CA GLY B 91 -11.76 11.32 0.38
C GLY B 91 -10.31 11.75 0.50
N LYS B 92 -10.01 12.60 1.48
CA LYS B 92 -8.64 13.06 1.67
C LYS B 92 -8.03 12.66 3.01
N ILE B 93 -6.71 12.47 2.99
CA ILE B 93 -5.97 12.18 4.21
C ILE B 93 -6.03 13.41 5.08
N ALA B 94 -6.89 13.37 6.09
CA ALA B 94 -7.10 14.52 6.95
C ALA B 94 -6.16 14.71 8.10
N GLY B 95 -5.44 13.67 8.48
CA GLY B 95 -4.53 13.80 9.60
C GLY B 95 -3.64 12.60 9.86
N ILE B 96 -2.42 12.87 10.32
CA ILE B 96 -1.44 11.86 10.64
C ILE B 96 -0.84 12.05 12.01
N GLY B 97 -1.39 11.38 13.01
CA GLY B 97 -0.88 11.54 14.36
C GLY B 97 -1.63 10.67 15.36
N LYS B 98 -1.83 11.20 16.56
CA LYS B 98 -2.53 10.48 17.61
C LYS B 98 -3.98 10.24 17.27
N GLY B 99 -4.82 11.24 17.51
CA GLY B 99 -6.22 11.03 17.21
C GLY B 99 -6.88 10.06 18.16
N GLY B 100 -8.13 10.33 18.48
CA GLY B 100 -8.90 9.51 19.40
C GLY B 100 -9.94 10.47 19.95
N ASN B 101 -10.20 10.41 21.24
CA ASN B 101 -11.18 11.31 21.84
C ASN B 101 -10.57 12.25 22.81
N LYS B 102 -10.56 13.54 22.47
CA LYS B 102 -9.99 14.55 23.36
C LYS B 102 -10.70 14.60 24.68
N ASP B 103 -11.95 14.12 24.70
CA ASP B 103 -12.74 14.08 25.92
C ASP B 103 -12.18 13.15 26.97
N MET B 104 -11.43 12.15 26.54
CA MET B 104 -10.85 11.15 27.44
C MET B 104 -9.37 10.84 27.25
N GLN B 105 -8.71 11.56 26.32
CA GLN B 105 -7.31 11.31 26.06
C GLN B 105 -6.51 12.54 25.73
N ASP B 106 -5.34 12.63 26.33
CA ASP B 106 -4.45 13.76 26.11
C ASP B 106 -3.94 13.81 24.69
N GLY B 107 -3.52 15.00 24.26
CA GLY B 107 -2.99 15.19 22.93
C GLY B 107 -3.68 14.54 21.75
N VAL B 108 -4.66 15.25 21.21
CA VAL B 108 -5.42 14.78 20.06
C VAL B 108 -5.95 15.94 19.25
N LYS B 109 -5.24 16.26 18.17
CA LYS B 109 -5.66 17.35 17.32
C LYS B 109 -7.05 17.13 16.78
N ASN B 110 -7.79 18.20 16.60
CA ASN B 110 -9.16 18.08 16.13
C ASN B 110 -9.33 17.60 14.71
N ASN B 111 -8.23 17.50 13.98
CA ASN B 111 -8.28 16.98 12.63
C ASN B 111 -8.11 15.49 12.66
N LEU B 112 -8.08 14.96 13.90
CA LEU B 112 -7.92 13.54 14.15
C LEU B 112 -8.92 13.00 15.13
N SER B 113 -9.94 13.81 15.42
CA SER B 113 -11.00 13.44 16.35
C SER B 113 -11.90 12.32 15.86
N VAL B 114 -12.12 11.34 16.73
CA VAL B 114 -12.96 10.19 16.41
C VAL B 114 -14.35 10.31 17.01
N GLY B 115 -15.36 10.35 16.15
CA GLY B 115 -16.74 10.47 16.61
C GLY B 115 -17.64 9.36 16.10
N PRO B 116 -18.95 9.43 16.38
CA PRO B 116 -19.82 8.36 15.88
C PRO B 116 -19.88 8.23 14.39
N ALA B 117 -19.29 9.19 13.68
CA ALA B 117 -19.31 9.15 12.23
C ALA B 117 -18.09 8.56 11.62
N THR B 118 -17.08 8.26 12.43
CA THR B 118 -15.86 7.69 11.90
C THR B 118 -15.80 6.18 11.94
N GLU B 119 -15.29 5.58 10.86
CA GLU B 119 -15.15 4.14 10.78
C GLU B 119 -13.79 3.70 11.23
N ALA B 120 -13.66 2.45 11.65
CA ALA B 120 -12.38 1.97 12.14
C ALA B 120 -11.71 0.94 11.26
N LEU B 121 -10.43 1.19 11.01
CA LEU B 121 -9.63 0.26 10.25
C LEU B 121 -8.37 -0.06 11.02
N ALA B 122 -8.22 -1.33 11.39
CA ALA B 122 -7.05 -1.78 12.12
C ALA B 122 -5.83 -1.82 11.24
N GLY B 123 -4.73 -1.22 11.71
CA GLY B 123 -3.51 -1.20 10.92
C GLY B 123 -2.30 -1.73 11.67
N GLU B 124 -2.47 -2.01 12.96
CA GLU B 124 -1.35 -2.51 13.74
C GLU B 124 -0.80 -3.77 13.14
N GLY B 125 0.50 -3.78 12.91
CA GLY B 125 1.12 -4.96 12.35
C GLY B 125 1.23 -4.81 10.86
N LEU B 126 0.53 -3.82 10.32
CA LEU B 126 0.58 -3.58 8.88
C LEU B 126 1.33 -2.33 8.51
N ILE B 127 1.76 -2.28 7.26
CA ILE B 127 2.47 -1.14 6.73
C ILE B 127 1.66 -0.43 5.70
N VAL B 128 1.53 0.89 5.84
CA VAL B 128 0.76 1.67 4.89
C VAL B 128 1.62 2.55 3.99
N THR B 129 1.40 2.42 2.69
CA THR B 129 2.10 3.26 1.73
C THR B 129 1.13 3.88 0.77
N ALA B 130 1.58 4.91 0.04
CA ALA B 130 0.72 5.54 -0.94
C ALA B 130 0.50 4.61 -2.09
N GLY B 131 -0.47 4.91 -2.94
CA GLY B 131 -0.69 4.04 -4.08
C GLY B 131 0.45 4.24 -5.04
N GLY B 132 0.71 3.26 -5.89
CA GLY B 132 1.78 3.38 -6.86
C GLY B 132 1.30 4.15 -8.06
N ILE B 133 2.22 4.71 -8.83
CA ILE B 133 1.85 5.48 -10.02
C ILE B 133 2.66 5.12 -11.23
N ASP B 134 2.10 4.27 -12.08
CA ASP B 134 2.76 3.84 -13.30
C ASP B 134 2.53 4.86 -14.41
N THR B 135 3.60 5.48 -14.88
CA THR B 135 3.49 6.52 -15.91
C THR B 135 3.91 6.15 -17.30
N HIS B 136 4.06 4.85 -17.56
CA HIS B 136 4.45 4.41 -18.88
C HIS B 136 3.54 3.29 -19.35
N ILE B 137 2.25 3.61 -19.35
CA ILE B 137 1.23 2.64 -19.73
C ILE B 137 0.77 2.75 -21.15
N HIS B 138 0.58 1.59 -21.75
CA HIS B 138 0.06 1.49 -23.10
C HIS B 138 -1.37 1.04 -22.98
N PHE B 139 -2.33 1.91 -23.27
CA PHE B 139 -3.72 1.51 -23.12
C PHE B 139 -4.19 0.56 -24.16
N ILE B 140 -3.50 -0.58 -24.16
CA ILE B 140 -3.73 -1.67 -25.08
C ILE B 140 -4.97 -2.46 -24.76
N SER B 141 -5.13 -2.80 -23.49
CA SER B 141 -6.29 -3.56 -23.05
C SER B 141 -6.78 -3.11 -21.70
N PRO B 142 -8.09 -2.90 -21.54
CA PRO B 142 -8.59 -2.46 -20.24
C PRO B 142 -8.37 -3.44 -19.09
N GLN B 143 -8.02 -4.69 -19.43
CA GLN B 143 -7.80 -5.70 -18.41
C GLN B 143 -6.54 -5.43 -17.61
N GLN B 144 -5.71 -4.53 -18.11
CA GLN B 144 -4.50 -4.18 -17.40
C GLN B 144 -4.80 -3.50 -16.08
N ILE B 145 -5.79 -2.63 -16.09
CA ILE B 145 -6.17 -1.88 -14.89
C ILE B 145 -6.33 -2.71 -13.64
N PRO B 146 -7.26 -3.68 -13.63
CA PRO B 146 -7.44 -4.49 -12.42
C PRO B 146 -6.21 -5.29 -12.03
N THR B 147 -5.27 -5.40 -12.97
CA THR B 147 -4.01 -6.09 -12.73
C THR B 147 -3.06 -5.17 -11.98
N ALA B 148 -2.86 -3.99 -12.55
CA ALA B 148 -2.00 -2.99 -11.94
C ALA B 148 -2.51 -2.62 -10.56
N PHE B 149 -3.83 -2.63 -10.44
CA PHE B 149 -4.52 -2.30 -9.21
C PHE B 149 -4.22 -3.29 -8.12
N ALA B 150 -4.42 -4.56 -8.44
CA ALA B 150 -4.15 -5.64 -7.49
C ALA B 150 -2.72 -5.61 -6.98
N SER B 151 -1.85 -4.93 -7.72
CA SER B 151 -0.43 -4.81 -7.38
C SER B 151 -0.06 -3.60 -6.58
N GLY B 152 -1.03 -2.86 -6.08
CA GLY B 152 -0.71 -1.68 -5.29
C GLY B 152 -0.61 -0.37 -6.04
N VAL B 153 -0.99 -0.36 -7.32
CA VAL B 153 -0.96 0.84 -8.14
C VAL B 153 -2.32 1.49 -8.29
N THR B 154 -2.45 2.75 -7.89
CA THR B 154 -3.71 3.46 -7.99
C THR B 154 -3.78 4.51 -9.08
N THR B 155 -2.67 4.71 -9.77
CA THR B 155 -2.66 5.71 -10.81
C THR B 155 -1.86 5.30 -12.03
N MET B 156 -2.51 5.31 -13.18
CA MET B 156 -1.89 4.95 -14.45
C MET B 156 -1.92 6.09 -15.43
N ILE B 157 -0.73 6.46 -15.91
CA ILE B 157 -0.58 7.51 -16.90
C ILE B 157 0.06 6.96 -18.14
N GLY B 158 -0.55 7.20 -19.30
CA GLY B 158 0.01 6.69 -20.54
C GLY B 158 -0.78 7.14 -21.75
N GLY B 159 -0.85 6.31 -22.79
CA GLY B 159 -1.59 6.69 -23.97
C GLY B 159 -2.12 5.50 -24.73
N GLY B 160 -2.96 5.75 -25.74
CA GLY B 160 -3.49 4.67 -26.53
C GLY B 160 -4.99 4.68 -26.80
N THR B 161 -5.42 3.71 -27.61
CA THR B 161 -6.82 3.56 -27.96
C THR B 161 -7.26 2.12 -27.97
N GLY B 162 -6.54 1.28 -27.23
CA GLY B 162 -6.90 -0.13 -27.22
C GLY B 162 -5.88 -0.97 -27.98
N PRO B 163 -6.22 -2.21 -28.38
CA PRO B 163 -5.29 -3.07 -29.10
C PRO B 163 -4.91 -2.68 -30.53
N ALA B 164 -4.76 -1.40 -30.77
CA ALA B 164 -4.36 -0.95 -32.10
C ALA B 164 -2.85 -0.82 -32.16
N ASP B 165 -2.28 -1.24 -33.28
CA ASP B 165 -0.84 -1.21 -33.49
C ASP B 165 -0.16 0.05 -33.02
N GLY B 166 -0.77 1.20 -33.29
CA GLY B 166 -0.17 2.45 -32.85
C GLY B 166 0.00 2.44 -31.34
N THR B 167 -1.02 1.96 -30.65
CA THR B 167 -0.99 1.87 -29.21
C THR B 167 -0.02 0.83 -28.71
N ASN B 168 0.01 -0.33 -29.36
CA ASN B 168 0.93 -1.41 -28.97
C ASN B 168 2.36 -0.97 -29.07
N ALA B 169 2.61 -0.05 -29.99
CA ALA B 169 3.95 0.48 -30.20
C ALA B 169 4.25 1.68 -29.35
N THR B 170 3.25 2.56 -29.19
CA THR B 170 3.43 3.79 -28.41
C THR B 170 2.34 4.09 -27.40
N THR B 171 2.70 4.84 -26.38
CA THR B 171 1.75 5.25 -25.33
C THR B 171 1.14 6.59 -25.70
N ILE B 172 0.31 6.55 -26.73
CA ILE B 172 -0.31 7.74 -27.26
C ILE B 172 -1.77 7.62 -27.62
N THR B 173 -2.53 8.61 -27.18
CA THR B 173 -3.94 8.72 -27.53
C THR B 173 -4.02 9.96 -28.43
N PRO B 174 -3.90 9.77 -29.74
CA PRO B 174 -3.93 10.83 -30.76
C PRO B 174 -5.21 11.52 -31.08
N GLY B 175 -5.13 12.85 -31.19
CA GLY B 175 -6.28 13.68 -31.54
C GLY B 175 -7.34 13.84 -30.48
N ARG B 176 -8.06 14.97 -30.53
CA ARG B 176 -9.08 15.20 -29.52
C ARG B 176 -10.22 14.21 -29.54
N ARG B 177 -10.54 13.65 -30.71
CA ARG B 177 -11.65 12.69 -30.73
C ARG B 177 -11.30 11.43 -29.99
N ASN B 178 -10.11 10.89 -30.25
CA ASN B 178 -9.68 9.69 -29.56
C ASN B 178 -9.40 9.98 -28.13
N LEU B 179 -9.19 11.25 -27.81
CA LEU B 179 -8.99 11.61 -26.41
C LEU B 179 -10.33 11.52 -25.72
N LYS B 180 -11.36 11.93 -26.46
CA LYS B 180 -12.71 11.87 -25.96
C LYS B 180 -13.10 10.43 -25.64
N TRP B 181 -12.98 9.55 -26.61
CA TRP B 181 -13.30 8.15 -26.39
C TRP B 181 -12.74 7.60 -25.11
N MET B 182 -11.45 7.83 -24.91
CA MET B 182 -10.75 7.32 -23.73
C MET B 182 -11.15 7.94 -22.41
N LEU B 183 -11.38 9.26 -22.40
CA LEU B 183 -11.82 9.93 -21.17
C LEU B 183 -13.18 9.42 -20.77
N ARG B 184 -14.03 9.24 -21.76
CA ARG B 184 -15.37 8.73 -21.49
C ARG B 184 -15.36 7.27 -21.13
N ALA B 185 -14.36 6.54 -21.63
CA ALA B 185 -14.23 5.14 -21.29
C ALA B 185 -13.75 4.96 -19.89
N ALA B 186 -12.84 5.86 -19.50
CA ALA B 186 -12.24 5.83 -18.16
C ALA B 186 -13.23 5.87 -17.03
N GLU B 187 -14.40 6.46 -17.26
CA GLU B 187 -15.43 6.54 -16.22
C GLU B 187 -15.69 5.19 -15.56
N GLU B 188 -15.55 4.13 -16.35
CA GLU B 188 -15.79 2.75 -15.95
C GLU B 188 -14.85 2.13 -14.94
N TYR B 189 -13.59 2.55 -14.94
CA TYR B 189 -12.59 1.93 -14.07
C TYR B 189 -12.30 2.53 -12.71
N SER B 190 -11.59 1.71 -11.92
CA SER B 190 -11.12 2.04 -10.58
C SER B 190 -9.64 2.23 -10.62
N MET B 191 -9.24 3.44 -11.01
CA MET B 191 -7.84 3.82 -11.15
C MET B 191 -7.74 5.21 -11.68
N ASN B 192 -7.04 6.12 -10.99
CA ASN B 192 -6.92 7.47 -11.55
C ASN B 192 -6.29 7.38 -12.93
N LEU B 193 -6.69 8.23 -13.86
CA LEU B 193 -6.11 8.15 -15.20
C LEU B 193 -5.69 9.46 -15.78
N GLY B 194 -4.72 9.39 -16.68
CA GLY B 194 -4.19 10.56 -17.37
C GLY B 194 -3.74 10.09 -18.74
N PHE B 195 -3.89 10.91 -19.77
CA PHE B 195 -3.47 10.47 -21.10
C PHE B 195 -2.46 11.37 -21.76
N LEU B 196 -1.58 10.77 -22.55
CA LEU B 196 -0.60 11.52 -23.30
C LEU B 196 -0.99 11.58 -24.74
N ALA B 197 -0.72 12.71 -25.39
CA ALA B 197 -1.06 12.88 -26.80
C ALA B 197 0.13 12.73 -27.71
N LYS B 198 -0.14 12.67 -29.02
CA LYS B 198 0.91 12.50 -30.01
C LYS B 198 1.77 13.72 -30.19
N GLY B 199 2.97 13.68 -29.64
CA GLY B 199 3.87 14.80 -29.79
C GLY B 199 4.62 14.72 -31.10
N ASN B 200 4.45 13.60 -31.79
CA ASN B 200 5.11 13.41 -33.08
C ASN B 200 4.43 14.21 -34.17
N ALA B 201 4.61 15.52 -34.08
CA ALA B 201 4.03 16.45 -35.03
C ALA B 201 4.75 17.74 -34.98
N SER B 202 5.00 18.35 -36.13
CA SER B 202 5.66 19.63 -36.16
C SER B 202 4.67 20.72 -36.40
N ASN B 203 3.41 20.39 -36.12
CA ASN B 203 2.28 21.29 -36.28
C ASN B 203 1.79 21.81 -34.97
N ASP B 204 2.21 23.03 -34.61
CA ASP B 204 1.82 23.62 -33.35
C ASP B 204 0.32 23.56 -33.05
N ALA B 205 -0.51 23.90 -34.03
CA ALA B 205 -1.97 23.86 -33.84
C ALA B 205 -2.46 22.49 -33.38
N SER B 206 -2.05 21.44 -34.08
CA SER B 206 -2.43 20.08 -33.73
C SER B 206 -1.87 19.69 -32.39
N LEU B 207 -0.76 20.30 -32.04
CA LEU B 207 -0.09 20.00 -30.79
C LEU B 207 -0.82 20.48 -29.57
N ALA B 208 -1.30 21.72 -29.58
CA ALA B 208 -2.02 22.27 -28.44
C ALA B 208 -3.45 21.76 -28.35
N ASP B 209 -4.08 21.55 -29.49
CA ASP B 209 -5.45 21.06 -29.49
C ASP B 209 -5.66 19.80 -28.69
N GLN B 210 -4.67 18.90 -28.72
CA GLN B 210 -4.78 17.66 -27.96
C GLN B 210 -4.75 17.93 -26.46
N ILE B 211 -4.05 18.99 -26.08
CA ILE B 211 -4.03 19.35 -24.67
C ILE B 211 -5.32 20.00 -24.29
N GLU B 212 -5.74 20.94 -25.13
CA GLU B 212 -7.00 21.60 -24.88
C GLU B 212 -8.10 20.57 -24.79
N ALA B 213 -7.84 19.41 -25.40
CA ALA B 213 -8.79 18.30 -25.44
C ALA B 213 -8.79 17.41 -24.24
N GLY B 214 -7.79 17.53 -23.37
CA GLY B 214 -7.78 16.70 -22.18
C GLY B 214 -6.48 16.01 -21.81
N ALA B 215 -5.50 16.05 -22.69
CA ALA B 215 -4.23 15.39 -22.41
C ALA B 215 -3.39 16.09 -21.37
N ILE B 216 -2.73 15.28 -20.55
CA ILE B 216 -1.88 15.81 -19.50
C ILE B 216 -0.49 16.06 -20.00
N GLY B 217 -0.27 15.67 -21.24
CA GLY B 217 1.03 15.85 -21.81
C GLY B 217 1.19 15.15 -23.15
N PHE B 218 2.39 15.27 -23.69
CA PHE B 218 2.72 14.68 -24.98
C PHE B 218 3.63 13.52 -24.84
N ILE B 220 6.43 11.68 -27.42
CA ILE B 220 7.14 11.54 -28.67
C ILE B 220 7.65 10.14 -28.76
N HIS B 221 7.28 9.40 -29.81
CA HIS B 221 7.76 8.03 -29.93
C HIS B 221 8.31 7.68 -31.28
N GLU B 222 9.33 6.84 -31.25
CA GLU B 222 10.04 6.35 -32.43
C GLU B 222 9.15 5.94 -33.58
N ASP B 223 8.23 5.04 -33.30
CA ASP B 223 7.33 4.55 -34.34
C ASP B 223 6.55 5.62 -35.02
N TRP B 224 6.39 6.76 -34.35
CA TRP B 224 5.68 7.89 -34.94
C TRP B 224 6.65 8.88 -35.52
N GLY B 225 7.94 8.65 -35.24
CA GLY B 225 8.98 9.51 -35.74
C GLY B 225 9.50 10.54 -34.75
N THR B 226 10.36 10.11 -33.83
CA THR B 226 10.91 11.04 -32.84
C THR B 226 12.03 11.88 -33.41
N THR B 227 11.66 12.89 -34.21
CA THR B 227 12.65 13.76 -34.83
C THR B 227 12.92 15.03 -34.06
N PRO B 228 14.07 15.69 -34.33
CA PRO B 228 14.40 16.94 -33.62
C PRO B 228 13.40 18.02 -33.90
N SER B 229 12.65 17.86 -34.99
CA SER B 229 11.61 18.84 -35.30
C SER B 229 10.45 18.61 -34.35
N ALA B 230 9.87 17.41 -34.45
CA ALA B 230 8.78 17.03 -33.58
C ALA B 230 9.14 17.31 -32.16
N ILE B 231 10.34 16.88 -31.77
CA ILE B 231 10.78 17.11 -30.41
C ILE B 231 10.75 18.56 -30.04
N ASN B 232 11.33 19.40 -30.88
CA ASN B 232 11.38 20.83 -30.62
C ASN B 232 10.00 21.46 -30.54
N HIS B 233 9.17 21.23 -31.55
CA HIS B 233 7.81 21.78 -31.55
C HIS B 233 6.99 21.38 -30.34
N ALA B 234 6.96 20.08 -30.05
CA ALA B 234 6.22 19.56 -28.91
C ALA B 234 6.59 20.25 -27.65
N LEU B 235 7.88 20.31 -27.39
CA LEU B 235 8.37 20.95 -26.19
C LEU B 235 7.90 22.36 -26.03
N ASP B 236 7.89 23.14 -27.11
CA ASP B 236 7.45 24.52 -26.97
C ASP B 236 6.03 24.62 -26.50
N VAL B 237 5.14 23.92 -27.18
CA VAL B 237 3.75 23.94 -26.79
C VAL B 237 3.58 23.39 -25.39
N ALA B 238 4.43 22.44 -25.02
CA ALA B 238 4.40 21.86 -23.68
C ALA B 238 4.72 22.90 -22.63
N ASP B 239 5.59 23.84 -23.00
CA ASP B 239 5.96 24.89 -22.07
C ASP B 239 4.82 25.83 -21.81
N LYS B 240 4.08 26.15 -22.86
CA LYS B 240 2.92 27.03 -22.73
C LYS B 240 1.88 26.45 -21.81
N TYR B 241 1.45 25.23 -22.11
CA TYR B 241 0.41 24.56 -21.32
C TYR B 241 0.84 23.89 -20.05
N ASP B 242 2.02 24.24 -19.55
CA ASP B 242 2.52 23.63 -18.32
C ASP B 242 2.14 22.19 -18.17
N VAL B 243 2.39 21.41 -19.23
CA VAL B 243 2.12 19.98 -19.20
C VAL B 243 3.37 19.17 -19.50
N GLN B 244 3.42 17.92 -19.08
CA GLN B 244 4.63 17.12 -19.27
C GLN B 244 4.80 16.43 -20.61
N VAL B 245 6.06 16.11 -20.92
CA VAL B 245 6.40 15.43 -22.16
C VAL B 245 7.27 14.21 -21.95
N ALA B 246 6.82 13.08 -22.48
CA ALA B 246 7.58 11.84 -22.39
C ALA B 246 8.24 11.53 -23.71
N ILE B 247 9.30 10.75 -23.73
CA ILE B 247 9.94 10.49 -25.02
C ILE B 247 10.60 9.15 -25.15
N HIS B 248 10.54 8.65 -26.38
CA HIS B 248 11.17 7.40 -26.79
C HIS B 248 12.15 7.74 -27.89
N THR B 249 13.42 7.73 -27.53
CA THR B 249 14.49 8.11 -28.43
C THR B 249 14.61 7.38 -29.76
N ASP B 250 15.12 8.12 -30.74
CA ASP B 250 15.35 7.63 -32.10
C ASP B 250 16.43 6.57 -32.15
N THR B 251 16.03 5.31 -31.96
CA THR B 251 16.98 4.20 -31.97
C THR B 251 17.86 4.17 -33.19
N LEU B 252 17.23 4.11 -34.35
CA LEU B 252 17.95 4.05 -35.61
C LEU B 252 18.87 5.22 -35.86
N ASN B 253 18.90 6.19 -34.96
CA ASN B 253 19.76 7.36 -35.13
C ASN B 253 19.62 7.99 -36.49
N GLU B 254 18.45 7.83 -37.13
CA GLU B 254 18.28 8.39 -38.47
C GLU B 254 18.32 9.88 -38.55
N ALA B 255 17.74 10.56 -37.57
CA ALA B 255 17.74 12.02 -37.57
C ALA B 255 19.01 12.58 -36.99
N GLY B 256 19.56 11.82 -36.04
CA GLY B 256 20.77 12.23 -35.35
C GLY B 256 21.05 11.29 -34.18
N CYS B 257 22.06 11.62 -33.39
CA CYS B 257 22.40 10.80 -32.25
C CYS B 257 21.91 11.43 -30.99
N VAL B 258 22.07 10.72 -29.88
CA VAL B 258 21.61 11.26 -28.60
C VAL B 258 22.06 12.68 -28.32
N GLU B 259 23.17 13.09 -28.94
CA GLU B 259 23.70 14.46 -28.78
C GLU B 259 22.75 15.47 -29.36
N ASP B 260 22.21 15.08 -30.51
CA ASP B 260 21.28 15.91 -31.25
C ASP B 260 19.94 16.00 -30.58
N THR B 261 19.43 14.86 -30.14
CA THR B 261 18.17 14.80 -29.43
C THR B 261 18.17 15.74 -28.26
N MET B 262 19.31 15.79 -27.57
CA MET B 262 19.43 16.68 -26.44
C MET B 262 19.39 18.13 -26.89
N ALA B 263 20.16 18.45 -27.92
CA ALA B 263 20.17 19.81 -28.45
C ALA B 263 18.78 20.21 -28.83
N ALA B 264 18.00 19.22 -29.23
CA ALA B 264 16.61 19.43 -29.61
C ALA B 264 15.80 19.83 -28.39
N ILE B 265 15.99 19.05 -27.33
CA ILE B 265 15.30 19.32 -26.08
C ILE B 265 15.64 20.68 -25.54
N ALA B 266 16.74 21.22 -26.03
CA ALA B 266 17.19 22.54 -25.61
C ALA B 266 17.17 22.79 -24.10
N GLY B 267 17.45 21.76 -23.30
CA GLY B 267 17.50 21.97 -21.86
C GLY B 267 16.18 22.00 -21.13
N ARG B 268 15.09 21.85 -21.87
CA ARG B 268 13.77 21.84 -21.26
C ARG B 268 13.48 20.53 -20.57
N THR B 269 12.47 20.50 -19.69
CA THR B 269 12.14 19.28 -18.96
C THR B 269 11.67 18.12 -19.83
N MET B 270 11.99 16.91 -19.42
CA MET B 270 11.63 15.71 -20.17
C MET B 270 11.57 14.46 -19.37
N HIS B 271 10.56 13.64 -19.62
CA HIS B 271 10.43 12.36 -18.95
C HIS B 271 10.91 11.29 -19.89
N THR B 272 12.08 10.74 -19.61
CA THR B 272 12.64 9.73 -20.47
C THR B 272 12.27 8.34 -20.07
N PHE B 273 11.51 7.68 -20.92
CA PHE B 273 11.11 6.31 -20.63
C PHE B 273 12.20 5.34 -20.92
N HIS B 274 12.20 4.21 -20.21
CA HIS B 274 13.23 3.21 -20.38
C HIS B 274 14.54 3.81 -20.87
N THR B 275 15.07 4.74 -20.08
CA THR B 275 16.31 5.41 -20.42
C THR B 275 17.46 4.44 -20.72
N GLU B 276 17.39 3.25 -20.13
CA GLU B 276 18.42 2.23 -20.33
C GLU B 276 18.68 1.93 -21.80
N GLY B 277 17.62 1.60 -22.56
CA GLY B 277 17.79 1.32 -23.98
C GLY B 277 17.01 0.13 -24.53
N ALA B 278 16.86 -0.92 -23.74
CA ALA B 278 16.14 -2.12 -24.17
C ALA B 278 14.73 -1.82 -24.62
N GLY B 279 14.05 -0.95 -23.87
CA GLY B 279 12.70 -0.57 -24.20
C GLY B 279 12.68 0.28 -25.46
N GLY B 280 13.86 0.70 -25.90
CA GLY B 280 13.97 1.52 -27.10
C GLY B 280 14.76 2.79 -26.86
N GLY B 281 15.25 3.39 -27.94
CA GLY B 281 16.01 4.61 -27.80
C GLY B 281 17.35 4.57 -28.51
N HIS B 282 17.97 5.74 -28.64
CA HIS B 282 19.27 5.88 -29.30
C HIS B 282 20.24 4.77 -29.04
N ALA B 283 20.73 4.15 -30.12
CA ALA B 283 21.69 3.06 -29.99
C ALA B 283 23.14 3.56 -30.11
N PRO B 284 23.98 3.24 -29.11
CA PRO B 284 23.68 2.46 -27.91
C PRO B 284 23.87 3.30 -26.65
N ASP B 285 24.11 4.60 -26.85
CA ASP B 285 24.39 5.48 -25.73
C ASP B 285 23.25 6.34 -25.23
N ILE B 286 22.01 5.87 -25.36
CA ILE B 286 20.90 6.66 -24.87
C ILE B 286 20.93 6.74 -23.37
N ILE B 287 21.32 5.65 -22.73
CA ILE B 287 21.36 5.61 -21.27
C ILE B 287 22.14 6.74 -20.66
N LYS B 288 22.98 7.41 -21.44
CA LYS B 288 23.77 8.52 -20.89
C LYS B 288 22.94 9.72 -20.47
N VAL B 289 21.82 9.91 -21.15
CA VAL B 289 20.91 11.02 -20.88
C VAL B 289 20.48 11.11 -19.45
N ALA B 290 20.26 9.95 -18.84
CA ALA B 290 19.82 9.86 -17.46
C ALA B 290 20.74 10.49 -16.45
N GLY B 291 21.75 11.21 -16.92
CA GLY B 291 22.68 11.86 -16.01
C GLY B 291 22.62 13.37 -16.10
N GLU B 292 21.86 13.88 -17.06
CA GLU B 292 21.75 15.31 -17.26
C GLU B 292 20.77 15.96 -16.28
N HIS B 293 20.96 17.26 -16.03
CA HIS B 293 20.11 17.99 -15.10
C HIS B 293 18.65 18.09 -15.49
N ASN B 294 18.40 18.50 -16.73
CA ASN B 294 17.03 18.67 -17.21
C ASN B 294 16.27 17.39 -17.48
N ILE B 295 16.89 16.24 -17.20
CA ILE B 295 16.20 14.99 -17.47
C ILE B 295 15.60 14.28 -16.30
N LEU B 296 14.43 13.70 -16.55
CA LEU B 296 13.67 12.91 -15.60
C LEU B 296 13.77 11.45 -15.99
N PRO B 297 14.88 10.80 -15.64
CA PRO B 297 15.12 9.40 -15.97
C PRO B 297 14.18 8.39 -15.39
N ALA B 298 13.69 7.53 -16.27
CA ALA B 298 12.78 6.47 -15.90
C ALA B 298 13.16 5.16 -16.55
N SER B 299 13.08 4.08 -15.79
CA SER B 299 13.42 2.78 -16.32
C SER B 299 12.23 1.93 -16.58
N THR B 300 12.32 1.09 -17.61
CA THR B 300 11.21 0.24 -17.94
C THR B 300 11.30 -1.15 -17.33
N ASN B 301 10.20 -1.51 -16.70
CA ASN B 301 9.97 -2.77 -16.01
C ASN B 301 10.79 -4.03 -16.38
N PRO B 302 10.67 -4.53 -17.64
CA PRO B 302 11.37 -5.72 -18.14
C PRO B 302 12.82 -6.03 -17.74
N THR B 303 13.75 -5.13 -18.04
CA THR B 303 15.15 -5.36 -17.71
C THR B 303 15.46 -5.15 -16.25
N ILE B 304 14.43 -5.20 -15.41
CA ILE B 304 14.60 -5.01 -13.98
C ILE B 304 13.95 -6.09 -13.14
N PRO B 305 14.75 -6.75 -12.27
CA PRO B 305 16.18 -6.51 -12.09
C PRO B 305 16.94 -7.30 -13.14
N PHE B 306 18.27 -7.21 -13.11
CA PHE B 306 19.07 -7.94 -14.07
C PHE B 306 19.28 -9.39 -13.68
N THR B 307 18.54 -10.29 -14.32
CA THR B 307 18.63 -11.72 -14.05
C THR B 307 19.28 -12.49 -15.16
N VAL B 308 19.85 -13.65 -14.84
CA VAL B 308 20.53 -14.49 -15.82
C VAL B 308 19.69 -14.79 -17.04
N ASN B 309 18.38 -14.56 -16.94
CA ASN B 309 17.47 -14.81 -18.05
C ASN B 309 17.06 -13.57 -18.81
N THR B 310 17.18 -12.39 -18.19
CA THR B 310 16.78 -11.16 -18.86
C THR B 310 17.39 -10.92 -20.22
N GLU B 311 18.66 -11.26 -20.41
CA GLU B 311 19.27 -11.02 -21.72
C GLU B 311 18.70 -11.89 -22.82
N ALA B 312 18.53 -13.17 -22.51
CA ALA B 312 17.97 -14.10 -23.47
C ALA B 312 16.54 -13.74 -23.82
N GLU B 313 15.76 -13.48 -22.77
CA GLU B 313 14.35 -13.11 -22.93
C GLU B 313 14.14 -11.98 -23.90
N HIS B 314 14.81 -10.84 -23.62
CA HIS B 314 14.71 -9.66 -24.46
C HIS B 314 15.00 -9.89 -25.91
N MET B 315 16.17 -10.46 -26.22
CA MET B 315 16.49 -10.75 -27.61
C MET B 315 15.31 -11.36 -28.34
N ASP B 316 14.56 -12.17 -27.61
CA ASP B 316 13.37 -12.83 -28.16
C ASP B 316 12.27 -11.82 -28.43
N MET B 317 11.94 -10.99 -27.44
CA MET B 317 10.90 -9.98 -27.62
C MET B 317 11.21 -9.05 -28.75
N LEU B 318 12.47 -8.64 -28.82
CA LEU B 318 12.96 -7.73 -29.86
C LEU B 318 12.91 -8.36 -31.23
N MET B 319 13.05 -9.68 -31.25
CA MET B 319 13.00 -10.42 -32.51
C MET B 319 11.57 -10.74 -32.89
N VAL B 320 10.79 -11.23 -31.91
CA VAL B 320 9.38 -11.53 -32.16
C VAL B 320 8.70 -10.28 -32.65
N CYS B 321 9.32 -9.16 -32.28
CA CYS B 321 8.88 -7.83 -32.67
C CYS B 321 9.85 -7.28 -33.71
N HIS B 322 9.46 -6.22 -34.41
CA HIS B 322 10.34 -5.64 -35.42
C HIS B 322 10.54 -6.50 -36.66
N HIS B 323 10.15 -7.77 -36.59
CA HIS B 323 10.27 -8.70 -37.71
C HIS B 323 11.69 -9.10 -38.04
N LYS B 324 12.53 -9.32 -37.03
CA LYS B 324 13.94 -9.68 -37.29
C LYS B 324 14.22 -11.16 -37.55
N ASP B 325 15.24 -11.40 -38.39
CA ASP B 325 15.67 -12.76 -38.77
C ASP B 325 17.08 -13.09 -38.30
N LYS B 326 17.33 -14.38 -38.07
CA LYS B 326 18.66 -14.81 -37.63
C LYS B 326 19.67 -14.88 -38.76
N SER B 327 19.19 -15.14 -39.97
CA SER B 327 20.05 -15.25 -41.15
C SER B 327 20.45 -13.93 -41.77
N ILE B 328 19.71 -12.87 -41.44
CA ILE B 328 20.03 -11.54 -41.97
C ILE B 328 20.92 -10.76 -41.03
N LYS B 329 22.10 -10.35 -41.51
CA LYS B 329 23.06 -9.62 -40.69
C LYS B 329 22.62 -8.26 -40.22
N GLU B 330 21.98 -7.47 -41.09
CA GLU B 330 21.50 -6.16 -40.65
C GLU B 330 20.52 -6.31 -39.53
N ASP B 331 19.82 -7.45 -39.55
CA ASP B 331 18.84 -7.78 -38.54
C ASP B 331 19.47 -8.20 -37.23
N VAL B 332 20.62 -8.88 -37.32
CA VAL B 332 21.32 -9.31 -36.10
C VAL B 332 22.08 -8.15 -35.51
N GLN B 333 22.44 -7.21 -36.37
CA GLN B 333 23.15 -6.01 -35.95
C GLN B 333 22.27 -5.12 -35.09
N PHE B 334 21.09 -4.78 -35.61
CA PHE B 334 20.14 -3.96 -34.87
C PHE B 334 19.83 -4.54 -33.52
N ALA B 335 19.65 -5.86 -33.51
CA ALA B 335 19.37 -6.58 -32.28
C ALA B 335 20.47 -6.39 -31.26
N ASP B 336 21.72 -6.44 -31.73
CA ASP B 336 22.88 -6.27 -30.85
C ASP B 336 23.20 -4.82 -30.53
N SER B 337 22.70 -3.91 -31.36
CA SER B 337 22.94 -2.48 -31.12
C SER B 337 21.88 -1.88 -30.23
N ARG B 338 20.91 -2.71 -29.83
CA ARG B 338 19.82 -2.27 -28.97
C ARG B 338 19.73 -3.02 -27.65
N ILE B 339 19.90 -4.34 -27.68
CA ILE B 339 19.84 -5.14 -26.45
C ILE B 339 21.19 -5.40 -25.80
N ARG B 340 21.85 -4.30 -25.45
CA ARG B 340 23.17 -4.35 -24.81
C ARG B 340 23.13 -4.90 -23.40
N PRO B 341 23.67 -6.11 -23.19
CA PRO B 341 23.64 -6.66 -21.84
C PRO B 341 24.43 -5.79 -20.88
N GLN B 342 25.33 -4.98 -21.45
CA GLN B 342 26.16 -4.08 -20.66
C GLN B 342 25.36 -2.96 -20.03
N THR B 343 24.64 -2.21 -20.86
CA THR B 343 23.82 -1.10 -20.37
C THR B 343 22.66 -1.59 -19.52
N ILE B 344 22.31 -2.86 -19.66
CA ILE B 344 21.24 -3.44 -18.85
C ILE B 344 21.67 -3.59 -17.42
N ALA B 345 22.80 -4.27 -17.22
CA ALA B 345 23.35 -4.49 -15.89
C ALA B 345 23.78 -3.21 -15.24
N ALA B 346 24.13 -2.22 -16.05
CA ALA B 346 24.56 -0.92 -15.54
C ALA B 346 23.40 -0.16 -14.93
N GLU B 347 22.20 -0.59 -15.29
CA GLU B 347 20.94 -0.01 -14.84
C GLU B 347 20.70 -0.23 -13.37
N ASP B 348 20.58 -1.51 -12.99
CA ASP B 348 20.33 -1.85 -11.61
C ASP B 348 21.12 -1.00 -10.67
N THR B 349 22.38 -0.76 -11.05
CA THR B 349 23.27 0.06 -10.23
C THR B 349 22.96 1.53 -10.32
N LEU B 350 22.55 2.00 -11.48
CA LEU B 350 22.20 3.41 -11.63
C LEU B 350 21.04 3.77 -10.72
N HIS B 351 20.10 2.84 -10.56
CA HIS B 351 18.97 3.07 -9.66
C HIS B 351 19.46 3.22 -8.28
N ASP B 352 20.34 2.30 -7.89
CA ASP B 352 20.89 2.31 -6.56
C ASP B 352 21.63 3.59 -6.26
N MET B 353 22.19 4.21 -7.30
CA MET B 353 22.95 5.44 -7.16
C MET B 353 22.12 6.71 -7.16
N GLY B 354 20.83 6.58 -7.45
CA GLY B 354 19.99 7.76 -7.50
C GLY B 354 20.05 8.37 -8.89
N ALA B 355 20.81 7.75 -9.78
CA ALA B 355 20.94 8.24 -11.16
C ALA B 355 19.62 8.12 -11.88
N PHE B 356 18.99 6.96 -11.78
CA PHE B 356 17.67 6.77 -12.37
C PHE B 356 16.63 7.21 -11.34
N SER B 357 15.43 7.62 -11.75
CA SER B 357 14.48 8.09 -10.75
C SER B 357 13.13 7.45 -10.72
N ILE B 358 12.63 7.04 -11.88
CA ILE B 358 11.29 6.47 -11.94
C ILE B 358 11.21 5.06 -12.49
N THR B 359 10.32 4.26 -11.90
CA THR B 359 10.14 2.90 -12.40
C THR B 359 8.78 2.72 -13.04
N SER B 360 8.78 2.46 -14.33
CA SER B 360 7.56 2.27 -15.09
C SER B 360 7.27 0.83 -15.33
N SER B 361 6.36 0.57 -16.26
CA SER B 361 6.04 -0.78 -16.64
C SER B 361 6.23 -0.97 -18.12
N ASP B 362 5.43 -0.25 -18.92
CA ASP B 362 5.46 -0.36 -20.37
C ASP B 362 4.56 -1.51 -20.79
N SER B 363 3.45 -1.64 -20.04
CA SER B 363 2.44 -2.67 -20.20
C SER B 363 2.13 -3.11 -21.61
N GLN B 364 1.92 -4.42 -21.75
CA GLN B 364 1.57 -5.06 -23.03
C GLN B 364 2.48 -4.69 -24.19
N ALA B 365 3.67 -4.20 -23.89
CA ALA B 365 4.65 -3.83 -24.91
C ALA B 365 6.05 -3.74 -24.35
N MET B 366 6.56 -4.87 -23.88
CA MET B 366 7.87 -4.95 -23.26
C MET B 366 7.83 -4.45 -21.86
N GLY B 367 6.70 -4.68 -21.20
CA GLY B 367 6.55 -4.25 -19.83
C GLY B 367 5.46 -5.02 -19.14
N ARG B 368 5.59 -5.21 -17.84
CA ARG B 368 4.60 -5.94 -17.07
C ARG B 368 3.95 -5.08 -16.01
N VAL B 369 2.81 -4.52 -16.40
CA VAL B 369 2.03 -3.61 -15.56
C VAL B 369 1.61 -4.15 -14.21
N GLY B 370 1.95 -5.40 -13.93
CA GLY B 370 1.59 -5.96 -12.65
C GLY B 370 2.80 -6.19 -11.76
N GLU B 371 3.98 -5.92 -12.29
CA GLU B 371 5.18 -6.18 -11.50
C GLU B 371 6.10 -5.01 -11.30
N VAL B 372 5.59 -3.79 -11.44
CA VAL B 372 6.45 -2.63 -11.24
C VAL B 372 6.93 -2.52 -9.83
N ILE B 373 6.01 -2.64 -8.89
CA ILE B 373 6.38 -2.56 -7.49
C ILE B 373 7.23 -3.74 -7.09
N THR B 374 6.76 -4.93 -7.41
CA THR B 374 7.50 -6.14 -7.09
C THR B 374 8.94 -6.08 -7.55
N ARG B 375 9.14 -5.65 -8.80
CA ARG B 375 10.48 -5.55 -9.37
C ARG B 375 11.31 -4.42 -8.82
N THR B 376 10.66 -3.34 -8.39
CA THR B 376 11.41 -2.23 -7.84
C THR B 376 12.07 -2.66 -6.56
N TRP B 377 11.41 -3.55 -5.83
CA TRP B 377 11.96 -4.04 -4.58
C TRP B 377 12.93 -5.16 -4.77
N GLN B 378 12.72 -5.96 -5.82
CA GLN B 378 13.65 -7.05 -6.11
C GLN B 378 15.00 -6.46 -6.40
N THR B 379 15.00 -5.42 -7.22
CA THR B 379 16.22 -4.74 -7.58
C THR B 379 16.93 -4.20 -6.36
N ALA B 380 16.16 -3.57 -5.48
CA ALA B 380 16.74 -3.03 -4.26
C ALA B 380 17.36 -4.13 -3.42
N ASP B 381 16.73 -5.29 -3.45
CA ASP B 381 17.23 -6.43 -2.71
C ASP B 381 18.55 -6.89 -3.26
N LYS B 382 18.63 -7.02 -4.58
CA LYS B 382 19.85 -7.45 -5.25
C LYS B 382 21.00 -6.55 -4.90
N ASN B 383 20.84 -5.28 -5.29
CA ASN B 383 21.86 -4.27 -5.03
C ASN B 383 22.37 -4.26 -3.62
N LYS B 384 21.54 -4.66 -2.67
CA LYS B 384 22.04 -4.69 -1.31
C LYS B 384 22.90 -5.91 -1.13
N LYS B 385 22.42 -7.01 -1.70
CA LYS B 385 23.12 -8.27 -1.62
C LYS B 385 24.45 -8.22 -2.34
N GLU B 386 24.58 -7.35 -3.32
CA GLU B 386 25.82 -7.24 -4.08
C GLU B 386 26.69 -6.06 -3.71
N PHE B 387 26.09 -4.94 -3.33
CA PHE B 387 26.87 -3.76 -2.95
C PHE B 387 26.82 -3.50 -1.48
N GLY B 388 25.92 -4.20 -0.80
CA GLY B 388 25.79 -4.05 0.65
C GLY B 388 24.85 -2.94 1.05
N ARG B 389 24.99 -2.46 2.28
CA ARG B 389 24.17 -1.36 2.78
C ARG B 389 24.58 -0.09 2.10
N LEU B 390 24.02 1.03 2.50
CA LEU B 390 24.42 2.27 1.84
C LEU B 390 25.22 3.19 2.72
N LYS B 391 26.02 4.03 2.09
CA LYS B 391 26.84 5.00 2.82
C LYS B 391 25.97 5.98 3.56
N GLU B 392 24.91 6.42 2.88
CA GLU B 392 23.96 7.38 3.44
C GLU B 392 23.16 6.77 4.57
N GLU B 393 23.03 5.45 4.55
CA GLU B 393 22.30 4.77 5.59
C GLU B 393 22.74 5.21 6.95
N LYS B 394 21.78 5.49 7.83
CA LYS B 394 22.09 5.91 9.18
C LYS B 394 21.48 4.99 10.21
N GLY B 395 22.33 4.28 10.93
CA GLY B 395 21.84 3.34 11.93
C GLY B 395 21.90 1.95 11.36
N ASP B 396 21.40 0.96 12.08
CA ASP B 396 21.44 -0.41 11.57
C ASP B 396 20.19 -0.80 10.80
N ASN B 397 19.95 -0.09 9.71
CA ASN B 397 18.79 -0.33 8.87
C ASN B 397 19.01 0.06 7.41
N ASP B 398 17.95 -0.05 6.63
CA ASP B 398 18.00 0.29 5.21
C ASP B 398 17.03 1.40 4.85
N ASN B 399 16.51 2.06 5.87
CA ASN B 399 15.54 3.14 5.68
C ASN B 399 15.81 4.02 4.51
N PHE B 400 16.98 4.64 4.48
CA PHE B 400 17.32 5.51 3.37
C PHE B 400 17.15 4.83 2.03
N ARG B 401 17.84 3.71 1.82
CA ARG B 401 17.69 3.01 0.55
C ARG B 401 16.23 2.72 0.26
N ILE B 402 15.49 2.34 1.30
CA ILE B 402 14.06 2.05 1.16
C ILE B 402 13.34 3.21 0.52
N LYS B 403 13.48 4.38 1.10
CA LYS B 403 12.84 5.57 0.56
C LYS B 403 13.29 5.84 -0.85
N ARG B 404 14.53 5.47 -1.13
CA ARG B 404 15.08 5.67 -2.47
C ARG B 404 14.25 5.00 -3.54
N TYR B 405 13.89 3.76 -3.29
CA TYR B 405 13.10 3.01 -4.25
C TYR B 405 11.62 3.34 -4.23
N LEU B 406 11.09 3.56 -3.04
CA LEU B 406 9.69 3.89 -2.93
C LEU B 406 9.38 5.09 -3.78
N SER B 407 10.19 6.12 -3.59
CA SER B 407 10.03 7.36 -4.34
C SER B 407 9.98 7.14 -5.82
N LYS B 408 10.65 6.08 -6.26
CA LYS B 408 10.71 5.75 -7.68
C LYS B 408 9.40 5.47 -8.33
N TYR B 409 8.43 5.02 -7.54
CA TYR B 409 7.11 4.70 -8.10
C TYR B 409 5.95 5.34 -7.36
N THR B 410 6.24 6.44 -6.67
CA THR B 410 5.22 7.17 -5.95
C THR B 410 5.38 8.65 -6.13
N ILE B 411 6.20 9.27 -5.28
CA ILE B 411 6.38 10.71 -5.35
C ILE B 411 7.13 11.24 -6.55
N ASN B 412 8.00 10.41 -7.14
CA ASN B 412 8.73 10.86 -8.31
C ASN B 412 7.92 10.86 -9.59
N PRO B 413 7.08 9.82 -9.79
CA PRO B 413 6.30 9.85 -11.02
C PRO B 413 5.23 10.92 -10.86
N ALA B 414 4.72 11.07 -9.64
CA ALA B 414 3.71 12.09 -9.34
C ALA B 414 4.17 13.49 -9.70
N ILE B 415 5.40 13.84 -9.33
CA ILE B 415 5.96 15.16 -9.65
C ILE B 415 6.20 15.29 -11.14
N ALA B 416 6.84 14.29 -11.72
CA ALA B 416 7.12 14.31 -13.14
C ALA B 416 5.91 14.61 -13.99
N HIS B 417 4.72 14.38 -13.45
CA HIS B 417 3.50 14.67 -14.19
C HIS B 417 2.54 15.59 -13.49
N GLY B 418 3.07 16.60 -12.83
CA GLY B 418 2.25 17.57 -12.13
C GLY B 418 1.07 17.14 -11.28
N ILE B 419 1.07 15.92 -10.75
CA ILE B 419 -0.03 15.51 -9.91
C ILE B 419 0.41 15.19 -8.51
N SER B 420 1.56 15.75 -8.15
CA SER B 420 2.15 15.54 -6.84
C SER B 420 1.36 16.14 -5.71
N GLU B 421 0.64 17.22 -5.98
CA GLU B 421 -0.15 17.87 -4.95
C GLU B 421 -1.31 17.05 -4.45
N TYR B 422 -1.90 16.25 -5.34
CA TYR B 422 -3.05 15.46 -4.96
C TYR B 422 -2.72 14.06 -4.52
N VAL B 423 -1.75 13.45 -5.17
CA VAL B 423 -1.40 12.09 -4.87
C VAL B 423 0.09 11.87 -4.88
N GLY B 424 0.55 10.64 -4.65
CA GLY B 424 1.97 10.36 -4.69
C GLY B 424 2.75 10.22 -3.39
N SER B 425 2.06 10.27 -2.25
CA SER B 425 2.72 10.14 -0.94
C SER B 425 1.77 10.25 0.19
N VAL B 426 2.08 9.59 1.30
CA VAL B 426 1.18 9.65 2.44
C VAL B 426 1.31 10.94 3.22
N GLU B 427 0.66 11.98 2.71
CA GLU B 427 0.71 13.28 3.36
C GLU B 427 -0.65 13.96 3.50
N VAL B 428 -0.80 14.71 4.58
CA VAL B 428 -2.04 15.43 4.87
C VAL B 428 -2.45 16.39 3.75
N GLY B 429 -3.73 16.34 3.37
CA GLY B 429 -4.23 17.21 2.32
C GLY B 429 -4.36 16.53 0.97
N LYS B 430 -3.65 15.42 0.77
CA LYS B 430 -3.69 14.70 -0.49
C LYS B 430 -4.81 13.67 -0.57
N VAL B 431 -5.13 13.27 -1.79
CA VAL B 431 -6.16 12.28 -1.95
C VAL B 431 -5.72 11.05 -1.24
N ALA B 432 -6.66 10.41 -0.56
CA ALA B 432 -6.35 9.22 0.20
C ALA B 432 -6.22 7.92 -0.58
N ASP B 433 -5.22 7.84 -1.45
CA ASP B 433 -4.95 6.59 -2.17
C ASP B 433 -3.89 5.81 -1.40
N LEU B 434 -4.37 4.96 -0.50
CA LEU B 434 -3.49 4.18 0.35
C LEU B 434 -3.65 2.69 0.16
N VAL B 435 -2.55 1.96 0.27
CA VAL B 435 -2.55 0.51 0.15
C VAL B 435 -1.92 -0.12 1.36
N LEU B 436 -2.65 -1.00 2.04
CA LEU B 436 -2.14 -1.66 3.25
C LEU B 436 -1.37 -2.91 2.93
N TRP B 437 -0.12 -2.96 3.38
CA TRP B 437 0.73 -4.11 3.14
C TRP B 437 1.00 -4.93 4.37
N SER B 438 0.88 -6.25 4.23
CA SER B 438 1.20 -7.18 5.30
C SER B 438 2.65 -7.54 5.16
N PRO B 439 3.52 -6.91 5.98
CA PRO B 439 4.98 -7.08 6.02
C PRO B 439 5.57 -8.30 5.31
N ALA B 440 5.00 -9.48 5.51
CA ALA B 440 5.54 -10.64 4.83
C ALA B 440 5.40 -10.54 3.30
N PHE B 441 4.20 -10.17 2.85
CA PHE B 441 3.94 -10.04 1.43
C PHE B 441 4.32 -8.70 0.84
N PHE B 442 4.92 -7.84 1.64
CA PHE B 442 5.28 -6.52 1.13
C PHE B 442 5.93 -6.56 -0.24
N GLY B 443 5.58 -5.59 -1.08
CA GLY B 443 6.15 -5.49 -2.41
C GLY B 443 5.64 -6.50 -3.43
N VAL B 444 4.77 -7.41 -3.02
CA VAL B 444 4.27 -8.40 -3.95
C VAL B 444 2.78 -8.45 -3.97
N LYS B 445 2.20 -8.87 -2.86
CA LYS B 445 0.77 -8.95 -2.74
C LYS B 445 0.24 -8.18 -1.56
N PRO B 446 -0.46 -7.05 -1.80
CA PRO B 446 -1.03 -6.17 -0.79
C PRO B 446 -2.37 -6.65 -0.24
N ASN B 447 -2.66 -6.22 0.99
CA ASN B 447 -3.90 -6.58 1.68
C ASN B 447 -5.15 -5.92 1.12
N MET B 448 -5.11 -4.60 0.96
CA MET B 448 -6.25 -3.87 0.41
C MET B 448 -5.89 -2.53 -0.16
N ILE B 449 -6.60 -2.15 -1.21
CA ILE B 449 -6.38 -0.88 -1.90
C ILE B 449 -7.47 0.16 -1.62
N ILE B 450 -7.15 1.23 -0.91
CA ILE B 450 -8.19 2.23 -0.69
C ILE B 450 -8.07 3.38 -1.66
N LYS B 451 -9.08 3.51 -2.50
CA LYS B 451 -9.11 4.57 -3.49
C LYS B 451 -9.95 5.74 -3.04
N GLY B 452 -9.37 6.93 -3.15
CA GLY B 452 -10.09 8.12 -2.75
C GLY B 452 -10.77 8.05 -1.40
N GLY B 453 -10.06 7.59 -0.39
CA GLY B 453 -10.63 7.53 0.95
C GLY B 453 -11.59 6.42 1.29
N PHE B 454 -11.89 5.56 0.31
CA PHE B 454 -12.80 4.45 0.51
C PHE B 454 -12.23 3.16 -0.05
N ILE B 455 -12.55 2.02 0.56
CA ILE B 455 -12.04 0.74 0.11
C ILE B 455 -12.58 0.32 -1.23
N ALA B 456 -11.68 0.13 -2.19
CA ALA B 456 -12.05 -0.22 -3.57
C ALA B 456 -11.73 -1.65 -3.97
N LEU B 457 -10.69 -2.22 -3.37
CA LEU B 457 -10.26 -3.59 -3.63
C LEU B 457 -9.54 -4.19 -2.46
N SER B 458 -9.86 -5.43 -2.16
CA SER B 458 -9.23 -6.11 -1.04
C SER B 458 -9.23 -7.60 -1.17
N GLN B 459 -8.35 -8.26 -0.44
CA GLN B 459 -8.36 -9.70 -0.47
C GLN B 459 -9.67 -10.12 0.15
N MET B 460 -10.38 -11.04 -0.50
CA MET B 460 -11.67 -11.48 -0.01
C MET B 460 -11.87 -12.96 -0.14
N GLY B 461 -12.51 -13.56 0.86
CA GLY B 461 -12.73 -14.99 0.82
C GLY B 461 -14.15 -15.37 0.48
N ASP B 462 -14.43 -16.67 0.58
CA ASP B 462 -15.75 -17.23 0.33
C ASP B 462 -16.84 -16.27 0.73
N ALA B 463 -17.49 -15.67 -0.26
CA ALA B 463 -18.56 -14.70 -0.02
C ALA B 463 -19.71 -15.27 0.73
N ASN B 464 -19.70 -16.59 0.91
CA ASN B 464 -20.75 -17.29 1.63
C ASN B 464 -20.36 -17.63 3.05
N ALA B 465 -19.04 -17.60 3.29
CA ALA B 465 -18.50 -17.94 4.60
C ALA B 465 -18.96 -17.05 5.72
N SER B 466 -18.58 -17.44 6.94
CA SER B 466 -18.93 -16.71 8.14
C SER B 466 -17.88 -15.71 8.50
N ILE B 467 -16.95 -15.51 7.58
CA ILE B 467 -15.88 -14.55 7.74
C ILE B 467 -15.19 -14.32 6.43
N PRO B 468 -14.42 -13.23 6.31
CA PRO B 468 -13.70 -12.90 5.08
C PRO B 468 -12.39 -13.59 4.83
N THR B 469 -11.95 -14.42 5.78
CA THR B 469 -10.65 -15.10 5.67
C THR B 469 -10.58 -16.42 4.92
N PRO B 470 -11.58 -17.30 5.07
CA PRO B 470 -11.56 -18.59 4.37
C PRO B 470 -11.42 -18.56 2.87
N GLN B 471 -10.70 -19.54 2.33
CA GLN B 471 -10.47 -19.66 0.90
C GLN B 471 -11.72 -19.99 0.11
N PRO B 472 -11.73 -19.64 -1.19
CA PRO B 472 -10.64 -18.98 -1.92
C PRO B 472 -10.45 -17.56 -1.46
N VAL B 473 -9.21 -17.08 -1.50
CA VAL B 473 -8.92 -15.70 -1.12
C VAL B 473 -8.19 -14.95 -2.20
N TYR B 474 -8.96 -14.39 -3.13
CA TYR B 474 -8.36 -13.60 -4.19
C TYR B 474 -8.79 -12.15 -4.06
N TYR B 475 -8.35 -11.30 -4.98
CA TYR B 475 -8.72 -9.88 -4.93
C TYR B 475 -10.10 -9.59 -5.48
N ARG B 476 -11.01 -9.25 -4.58
CA ARG B 476 -12.40 -8.94 -4.93
C ARG B 476 -12.71 -7.46 -4.91
N GLU B 477 -13.49 -6.99 -5.89
CA GLU B 477 -13.86 -5.58 -5.96
C GLU B 477 -14.64 -5.18 -4.75
N MET B 478 -14.26 -4.06 -4.14
CA MET B 478 -14.99 -3.57 -2.99
C MET B 478 -15.99 -2.47 -3.34
N PHE B 479 -16.60 -1.86 -2.35
CA PHE B 479 -17.63 -0.88 -2.68
C PHE B 479 -17.24 0.35 -3.47
N ALA B 480 -16.07 0.91 -3.24
CA ALA B 480 -15.65 2.09 -3.99
C ALA B 480 -15.37 1.78 -5.44
N HIS B 481 -15.72 0.57 -5.85
CA HIS B 481 -15.47 0.10 -7.21
C HIS B 481 -16.74 0.06 -8.03
N HIS B 482 -17.87 0.26 -7.35
CA HIS B 482 -19.18 0.15 -7.99
C HIS B 482 -20.06 1.38 -7.95
N GLY B 483 -21.23 1.23 -8.58
CA GLY B 483 -22.23 2.28 -8.64
C GLY B 483 -21.67 3.64 -8.98
N LYS B 484 -22.18 4.66 -8.30
CA LYS B 484 -21.74 6.04 -8.49
C LYS B 484 -20.56 6.34 -7.60
N ALA B 485 -20.25 5.39 -6.71
CA ALA B 485 -19.14 5.54 -5.77
C ALA B 485 -17.83 5.63 -6.49
N LYS B 486 -17.67 4.86 -7.56
CA LYS B 486 -16.44 4.88 -8.31
C LYS B 486 -16.10 6.25 -8.77
N TYR B 487 -17.14 6.99 -9.14
CA TYR B 487 -16.96 8.33 -9.64
C TYR B 487 -16.40 9.25 -8.60
N ASP B 488 -16.86 9.13 -7.36
CA ASP B 488 -16.35 9.97 -6.29
C ASP B 488 -14.94 9.65 -5.90
N ALA B 489 -14.62 8.36 -6.01
CA ALA B 489 -13.30 7.83 -5.67
C ALA B 489 -12.21 7.97 -6.74
N ASN B 490 -12.57 8.15 -8.01
CA ASN B 490 -11.52 8.26 -9.00
C ASN B 490 -11.34 9.60 -9.64
N ILE B 491 -10.16 9.75 -10.23
CA ILE B 491 -9.79 11.00 -10.87
C ILE B 491 -9.18 10.80 -12.22
N THR B 492 -9.63 11.57 -13.20
CA THR B 492 -9.01 11.52 -14.51
C THR B 492 -8.31 12.85 -14.64
N PHE B 493 -7.01 12.81 -14.87
CA PHE B 493 -6.27 14.05 -14.98
C PHE B 493 -6.33 14.67 -16.34
N VAL B 494 -6.23 15.99 -16.34
CA VAL B 494 -6.22 16.79 -17.57
C VAL B 494 -5.35 18.04 -17.40
N SER B 495 -5.20 18.80 -18.47
CA SER B 495 -4.41 20.02 -18.42
C SER B 495 -5.22 21.18 -17.87
N GLN B 496 -4.54 22.24 -17.45
CA GLN B 496 -5.28 23.39 -16.96
C GLN B 496 -6.21 23.88 -18.01
N ALA B 497 -5.68 23.98 -19.24
CA ALA B 497 -6.45 24.48 -20.36
C ALA B 497 -7.78 23.82 -20.50
N ALA B 498 -7.78 22.48 -20.63
CA ALA B 498 -9.02 21.75 -20.78
C ALA B 498 -9.90 21.93 -19.57
N TYR B 499 -9.33 21.72 -18.39
CA TYR B 499 -10.08 21.90 -17.16
C TYR B 499 -10.81 23.21 -17.18
N ASP B 500 -10.10 24.27 -17.55
CA ASP B 500 -10.67 25.62 -17.64
C ASP B 500 -11.73 25.74 -18.73
N LYS B 501 -11.54 25.03 -19.84
CA LYS B 501 -12.52 25.06 -20.93
C LYS B 501 -13.75 24.25 -20.61
N GLY B 502 -13.78 23.68 -19.41
CA GLY B 502 -14.91 22.89 -18.98
C GLY B 502 -14.96 21.50 -19.56
N ILE B 503 -13.78 20.94 -19.85
CA ILE B 503 -13.70 19.60 -20.41
C ILE B 503 -14.54 18.57 -19.67
N LYS B 504 -14.75 18.80 -18.37
CA LYS B 504 -15.54 17.88 -17.55
C LYS B 504 -16.99 17.86 -17.96
N GLU B 505 -17.62 19.02 -17.92
CA GLU B 505 -19.02 19.14 -18.32
C GLU B 505 -19.16 18.85 -19.79
N GLU B 506 -18.08 19.16 -20.50
CA GLU B 506 -17.98 18.95 -21.93
C GLU B 506 -18.29 17.54 -22.32
N LEU B 507 -17.63 16.61 -21.64
CA LEU B 507 -17.77 15.18 -21.93
C LEU B 507 -18.65 14.41 -21.00
N GLY B 508 -19.47 15.11 -20.22
CA GLY B 508 -20.36 14.39 -19.31
C GLY B 508 -19.64 13.51 -18.30
N LEU B 509 -18.39 13.86 -18.03
CA LEU B 509 -17.54 13.15 -17.08
C LEU B 509 -18.00 13.25 -15.66
N GLU B 510 -18.45 12.12 -15.09
CA GLU B 510 -18.90 12.09 -13.71
C GLU B 510 -17.80 11.88 -12.71
N ARG B 511 -16.57 11.78 -13.17
CA ARG B 511 -15.43 11.58 -12.29
C ARG B 511 -14.81 12.86 -11.79
N GLN B 512 -14.19 12.78 -10.62
CA GLN B 512 -13.50 13.93 -10.11
C GLN B 512 -12.42 14.25 -11.12
N VAL B 513 -12.37 15.49 -11.61
CA VAL B 513 -11.37 15.85 -12.61
C VAL B 513 -10.46 16.96 -12.20
N LEU B 514 -9.17 16.66 -12.06
CA LEU B 514 -8.17 17.65 -11.68
C LEU B 514 -7.19 17.93 -12.78
N PRO B 515 -6.53 19.09 -12.72
CA PRO B 515 -5.58 19.40 -13.78
C PRO B 515 -4.14 19.29 -13.28
N VAL B 516 -3.23 18.93 -14.18
CA VAL B 516 -1.82 18.81 -13.82
C VAL B 516 -1.14 20.18 -13.80
N LYS B 517 -0.15 20.36 -12.93
CA LYS B 517 0.52 21.64 -12.83
C LYS B 517 1.94 21.57 -12.30
N ASN B 518 2.78 22.51 -12.73
CA ASN B 518 4.18 22.54 -12.33
C ASN B 518 4.97 21.43 -12.96
N CYS B 519 4.94 21.42 -14.29
CA CYS B 519 5.63 20.42 -15.09
C CYS B 519 6.79 20.98 -15.82
N ARG B 520 6.85 22.31 -15.91
CA ARG B 520 7.92 22.97 -16.64
C ARG B 520 9.02 23.57 -15.81
N ASN B 521 8.89 23.50 -14.49
CA ASN B 521 9.93 24.07 -13.64
C ASN B 521 10.61 23.05 -12.79
N VAL B 522 10.52 21.79 -13.23
CA VAL B 522 11.13 20.68 -12.52
C VAL B 522 12.29 20.06 -13.26
N THR B 523 13.29 19.60 -12.52
CA THR B 523 14.47 18.97 -13.11
C THR B 523 14.86 17.76 -12.37
N LYS B 524 15.99 17.17 -12.74
CA LYS B 524 16.44 15.98 -12.04
C LYS B 524 16.60 16.22 -10.57
N LYS B 525 16.69 17.50 -10.21
CA LYS B 525 16.85 17.88 -8.82
C LYS B 525 15.55 17.92 -8.04
N ASP B 526 14.44 17.61 -8.71
CA ASP B 526 13.14 17.58 -8.05
C ASP B 526 12.72 16.18 -7.73
N MET B 527 13.54 15.22 -8.16
CA MET B 527 13.30 13.82 -7.92
C MET B 527 13.77 13.40 -6.54
N GLN B 528 12.83 13.11 -5.64
CA GLN B 528 13.17 12.69 -4.29
C GLN B 528 14.13 11.51 -4.23
N PHE B 529 15.13 11.60 -3.35
CA PHE B 529 16.14 10.54 -3.18
C PHE B 529 16.63 9.93 -4.49
N ASN B 530 16.70 10.75 -5.53
CA ASN B 530 17.15 10.30 -6.85
C ASN B 530 17.55 11.48 -7.68
N ASN B 531 18.18 12.43 -7.00
CA ASN B 531 18.63 13.68 -7.58
C ASN B 531 20.06 13.72 -8.05
N THR B 532 20.69 12.55 -8.21
CA THR B 532 22.07 12.53 -8.63
C THR B 532 22.30 12.78 -10.11
N THR B 533 23.03 13.86 -10.39
CA THR B 533 23.40 14.25 -11.75
C THR B 533 24.81 13.77 -12.03
N ALA B 534 25.20 13.65 -13.29
CA ALA B 534 26.56 13.21 -13.59
C ALA B 534 26.87 13.09 -15.06
N HIS B 535 28.12 13.36 -15.40
CA HIS B 535 28.57 13.25 -16.78
C HIS B 535 28.95 11.83 -17.10
N ILE B 536 28.01 11.10 -17.69
CA ILE B 536 28.21 9.70 -18.05
C ILE B 536 28.43 9.44 -19.51
N GLU B 537 29.51 8.71 -19.79
CA GLU B 537 29.90 8.34 -21.15
C GLU B 537 29.53 6.91 -21.43
N VAL B 538 29.54 6.54 -22.71
CA VAL B 538 29.23 5.19 -23.09
C VAL B 538 30.07 4.72 -24.24
N ASN B 539 30.92 3.73 -23.99
CA ASN B 539 31.79 3.21 -25.03
C ASN B 539 31.05 2.76 -26.26
N PRO B 540 31.39 3.34 -27.42
CA PRO B 540 30.75 2.99 -28.70
C PRO B 540 31.06 1.57 -29.14
N GLU B 541 32.27 1.12 -28.80
CA GLU B 541 32.75 -0.21 -29.17
C GLU B 541 32.28 -1.33 -28.27
N THR B 542 32.53 -1.20 -26.96
CA THR B 542 32.13 -2.24 -26.01
C THR B 542 30.79 -2.03 -25.35
N TYR B 543 30.12 -0.92 -25.68
CA TYR B 543 28.83 -0.61 -25.09
C TYR B 543 28.91 -0.56 -23.58
N HIS B 544 30.11 -0.26 -23.07
CA HIS B 544 30.35 -0.16 -21.64
C HIS B 544 29.95 1.18 -21.08
N VAL B 545 29.41 1.17 -19.86
CA VAL B 545 28.93 2.39 -19.22
C VAL B 545 29.86 3.02 -18.20
N PHE B 546 30.18 4.30 -18.42
CA PHE B 546 31.06 5.05 -17.53
C PHE B 546 30.42 6.28 -16.95
N VAL B 547 30.60 6.46 -15.65
CA VAL B 547 30.03 7.61 -14.95
C VAL B 547 31.06 8.37 -14.17
N ASP B 548 31.13 9.68 -14.41
CA ASP B 548 32.08 10.54 -13.72
C ASP B 548 33.51 10.06 -13.83
N GLY B 549 33.76 9.27 -14.87
CA GLY B 549 35.09 8.72 -15.07
C GLY B 549 35.04 7.21 -14.90
N LYS B 550 34.69 6.76 -13.70
CA LYS B 550 34.60 5.34 -13.43
C LYS B 550 33.53 4.67 -14.26
N GLU B 551 33.38 3.37 -14.08
CA GLU B 551 32.38 2.62 -14.82
C GLU B 551 31.49 1.82 -13.92
N VAL B 552 30.20 1.76 -14.26
CA VAL B 552 29.24 1.01 -13.46
C VAL B 552 28.63 -0.15 -14.17
N THR B 553 28.42 -1.20 -13.40
CA THR B 553 27.80 -2.43 -13.90
C THR B 553 27.36 -3.29 -12.75
N SER B 554 26.34 -4.09 -12.97
CA SER B 554 25.84 -4.97 -11.94
C SER B 554 25.98 -6.40 -12.40
N LYS B 555 25.98 -7.34 -11.46
CA LYS B 555 26.08 -8.73 -11.85
C LYS B 555 24.69 -9.35 -11.92
N PRO B 556 24.41 -10.09 -13.00
CA PRO B 556 23.08 -10.70 -13.09
C PRO B 556 22.79 -11.56 -11.88
N ALA B 557 21.56 -12.05 -11.77
CA ALA B 557 21.20 -12.89 -10.65
C ALA B 557 20.51 -14.15 -11.06
N ASN B 558 20.69 -15.22 -10.29
CA ASN B 558 20.06 -16.50 -10.59
C ASN B 558 18.73 -16.67 -9.90
N LYS B 559 18.53 -15.87 -8.86
CA LYS B 559 17.31 -15.90 -8.08
C LYS B 559 16.96 -14.52 -7.55
N VAL B 560 15.67 -14.22 -7.48
CA VAL B 560 15.21 -12.94 -6.96
C VAL B 560 14.17 -13.15 -5.91
N SER B 561 14.01 -12.19 -5.01
CA SER B 561 12.99 -12.34 -4.01
C SER B 561 11.63 -11.94 -4.54
N LEU B 562 10.61 -11.98 -3.68
CA LEU B 562 9.26 -11.63 -4.09
C LEU B 562 8.85 -12.29 -5.38
N ALA B 563 9.16 -13.58 -5.50
CA ALA B 563 8.81 -14.28 -6.73
C ALA B 563 8.05 -15.56 -6.52
N GLN B 564 8.69 -16.68 -6.86
CA GLN B 564 8.08 -17.99 -6.73
C GLN B 564 7.51 -18.28 -5.37
N LEU B 565 7.99 -17.58 -4.36
CA LEU B 565 7.52 -17.78 -3.00
C LEU B 565 6.05 -17.45 -2.81
N PHE B 566 5.57 -16.40 -3.48
CA PHE B 566 4.19 -15.93 -3.31
C PHE B 566 3.14 -16.26 -4.36
N SER B 567 3.52 -16.59 -5.59
CA SER B 567 2.49 -16.87 -6.58
C SER B 567 2.50 -18.26 -7.17
N ILE B 568 1.30 -18.80 -7.42
CA ILE B 568 1.17 -20.13 -7.98
C ILE B 568 1.52 -20.14 -9.46
N PHE B 569 1.77 -18.95 -10.00
CA PHE B 569 2.14 -18.76 -11.41
C PHE B 569 2.88 -17.46 -11.65
#